data_4PSR
#
_entry.id   4PSR
#
_cell.length_a   54.153
_cell.length_b   75.989
_cell.length_c   80.970
_cell.angle_alpha   105.690
_cell.angle_beta   107.320
_cell.angle_gamma   106.930
#
_symmetry.space_group_name_H-M   'P 1'
#
loop_
_entity.id
_entity.type
_entity.pdbx_description
1 polymer 'Alpha-fucosidase GH29'
2 branched alpha-D-mannopyranose-(1-2)-alpha-D-mannopyranose-(1-2)-alpha-D-mannopyranose-(1-3)-[alpha-D-mannopyranose-(1-6)]beta-D-mannopyranose-(1-4)-2-acetamido-2-deoxy-beta-D-glucopyranose-(1-4)-2-acetamido-2-deoxy-beta-D-glucopyranose
3 branched alpha-D-mannopyranose-(1-2)-alpha-D-mannopyranose-(1-2)-alpha-D-mannopyranose-(1-3)-beta-D-mannopyranose-(1-4)-2-acetamido-2-deoxy-beta-D-glucopyranose-(1-4)-2-acetamido-2-deoxy-beta-D-glucopyranose
4 non-polymer 2-acetamido-2-deoxy-beta-D-glucopyranose
5 non-polymer 2-AMINO-2-HYDROXYMETHYL-PROPANE-1,3-DIOL
6 non-polymer 'SODIUM ION'
7 non-polymer GLYCEROL
8 non-polymer beta-L-fucopyranose
9 water water
#
_entity_poly.entity_id   1
_entity_poly.type   'polypeptide(L)'
_entity_poly.pdbx_seq_one_letter_code
;AKADGPYEATWESTDKHNAAPEWYRDAKFGVYWHWGAFTTAQYASEWYPRNMYEPDSDQRKHHTETYGPPEEWGYENFIK
GAKDKKGNFVQFKPVLKSKGGEFDPEAIIKIVKGSGARFAGPVAEHHDGFSMWDSKVNEWNPVNYGPKLDLVKLWADLVR
ENDMKLVIAMHQAYNYNGFFQWAPKTNDTSLQKLLGQLPRDEEDQLWFDKHREMLDHVQPDIIWNDFSLDSPGECGSFEG
PCAVDEQKRLEFLAYYFNRGEEWGKEVVTTYKHHDHGFRNTSAVDDWERGGPSNLVRPYWQTDDAISASSWSYTVGIKYY
SSKAMVHSLLDRVSKNGNMLLNISPMANGVLPEEQIKVLNDIGDFLSRYGEAVYDTRAWDIYGEGPNQVEGGSFTAPLQG
NSSDIRFTRNKEDDVLYVTVLGWPEDNLVSVKNLGSNALVDLESLKSVELLGDKAGDYVKVSEWEQSKDALDITLPSQPA
ESLAYVLKLTFDGGIPVPQPERGAAVFSKADATGKGVALALGTFDTVFLTEAGLKPEEIRSIRVSDGTKATLFSGFRFTG
ESKELSAGEHEVEDGSVGSIVVSKI
;
_entity_poly.pdbx_strand_id   A,B
#
# COMPACT_ATOMS: atom_id res chain seq x y z
N GLY A 5 -16.08 -26.25 -25.22
CA GLY A 5 -15.67 -25.00 -25.84
C GLY A 5 -14.19 -25.00 -26.16
N PRO A 6 -13.71 -23.98 -26.87
CA PRO A 6 -12.31 -24.07 -27.30
C PRO A 6 -11.29 -23.78 -26.20
N TYR A 7 -11.70 -23.26 -25.05
CA TYR A 7 -10.74 -22.93 -24.00
C TYR A 7 -10.43 -24.10 -23.11
N GLU A 8 -9.15 -24.23 -22.78
CA GLU A 8 -8.70 -25.20 -21.79
C GLU A 8 -8.24 -24.46 -20.56
N ALA A 9 -8.17 -25.16 -19.44
CA ALA A 9 -7.73 -24.57 -18.19
C ALA A 9 -6.20 -24.46 -18.11
N THR A 10 -5.65 -23.62 -18.98
CA THR A 10 -4.23 -23.26 -18.98
C THR A 10 -4.07 -21.76 -19.26
N TRP A 11 -2.94 -21.20 -18.86
CA TRP A 11 -2.72 -19.77 -19.09
C TRP A 11 -2.63 -19.49 -20.59
N GLU A 12 -1.96 -20.37 -21.33
CA GLU A 12 -1.73 -20.12 -22.72
C GLU A 12 -3.04 -20.16 -23.53
N SER A 13 -3.96 -21.05 -23.16
CA SER A 13 -5.26 -21.14 -23.82
C SER A 13 -6.15 -19.92 -23.50
N THR A 14 -6.26 -19.62 -22.21
CA THR A 14 -7.13 -18.53 -21.76
C THR A 14 -6.58 -17.16 -22.16
N ASP A 15 -5.27 -17.03 -22.40
CA ASP A 15 -4.68 -15.78 -22.85
C ASP A 15 -5.32 -15.29 -24.14
N LYS A 16 -5.81 -16.23 -24.95
CA LYS A 16 -6.37 -15.84 -26.25
C LYS A 16 -7.73 -15.12 -26.16
N HIS A 17 -8.36 -15.18 -25.00
CA HIS A 17 -9.60 -14.43 -24.80
C HIS A 17 -9.34 -12.94 -24.90
N ASN A 18 -10.22 -12.23 -25.59
CA ASN A 18 -10.08 -10.78 -25.77
C ASN A 18 -10.53 -10.09 -24.48
N ALA A 19 -9.60 -9.49 -23.77
CA ALA A 19 -9.87 -9.00 -22.42
C ALA A 19 -10.95 -7.92 -22.35
N ALA A 20 -10.84 -6.96 -23.23
CA ALA A 20 -11.68 -5.75 -23.20
C ALA A 20 -12.32 -5.58 -24.56
N PRO A 21 -13.50 -6.16 -24.76
CA PRO A 21 -14.14 -6.08 -26.09
C PRO A 21 -14.63 -4.66 -26.37
N GLU A 22 -14.90 -4.37 -27.63
CA GLU A 22 -15.27 -3.02 -28.02
C GLU A 22 -16.49 -2.47 -27.27
N TRP A 23 -17.51 -3.29 -27.00
CA TRP A 23 -18.67 -2.76 -26.28
C TRP A 23 -18.30 -2.26 -24.88
N TYR A 24 -17.33 -2.92 -24.25
CA TYR A 24 -16.91 -2.56 -22.90
C TYR A 24 -16.08 -1.30 -22.92
N ARG A 25 -15.23 -1.13 -23.92
CA ARG A 25 -14.50 0.11 -24.10
C ARG A 25 -15.42 1.27 -24.42
N ASP A 26 -16.53 0.99 -25.10
CA ASP A 26 -17.48 2.03 -25.44
C ASP A 26 -18.31 2.47 -24.25
N ALA A 27 -18.45 1.59 -23.26
CA ALA A 27 -19.44 1.76 -22.21
C ALA A 27 -19.15 2.88 -21.22
N LYS A 28 -17.90 2.95 -20.76
CA LYS A 28 -17.35 3.98 -19.88
C LYS A 28 -17.81 4.00 -18.43
N PHE A 29 -19.11 3.88 -18.21
CA PHE A 29 -19.71 4.14 -16.90
C PHE A 29 -20.67 3.01 -16.56
N GLY A 30 -20.46 2.40 -15.39
CA GLY A 30 -21.37 1.41 -14.84
C GLY A 30 -21.66 1.67 -13.38
N VAL A 31 -22.66 0.96 -12.85
CA VAL A 31 -23.06 1.08 -11.46
C VAL A 31 -23.26 -0.28 -10.82
N TYR A 32 -22.75 -0.45 -9.61
CA TYR A 32 -23.03 -1.64 -8.81
C TYR A 32 -23.32 -1.24 -7.37
N TRP A 33 -23.68 -2.22 -6.55
CA TRP A 33 -24.12 -1.93 -5.20
C TRP A 33 -23.68 -2.98 -4.20
N HIS A 34 -23.03 -2.51 -3.15
CA HIS A 34 -22.70 -3.33 -2.00
C HIS A 34 -23.89 -3.35 -1.04
N TRP A 35 -24.76 -4.32 -1.25
CA TRP A 35 -25.97 -4.46 -0.44
C TRP A 35 -26.13 -5.90 -0.11
N GLY A 36 -26.22 -6.22 1.18
CA GLY A 36 -26.38 -7.61 1.59
C GLY A 36 -26.53 -7.76 3.09
N ALA A 37 -26.33 -8.98 3.58
CA ALA A 37 -26.44 -9.21 5.02
C ALA A 37 -25.38 -8.42 5.78
N PHE A 38 -24.27 -8.06 5.13
CA PHE A 38 -23.24 -7.24 5.76
C PHE A 38 -23.75 -5.82 6.00
N THR A 39 -24.86 -5.44 5.36
CA THR A 39 -25.45 -4.13 5.56
C THR A 39 -26.35 -4.08 6.83
N THR A 40 -26.77 -5.24 7.31
CA THR A 40 -27.79 -5.30 8.36
C THR A 40 -27.46 -4.43 9.58
N ALA A 41 -26.22 -4.48 10.05
CA ALA A 41 -25.84 -3.68 11.23
C ALA A 41 -25.79 -2.17 10.95
N GLN A 42 -25.68 -1.79 9.68
CA GLN A 42 -25.56 -0.39 9.29
C GLN A 42 -24.54 0.35 10.15
N TYR A 43 -23.39 -0.30 10.34
CA TYR A 43 -22.35 0.23 11.22
C TYR A 43 -20.96 -0.04 10.67
N ALA A 44 -20.12 1.01 10.70
CA ALA A 44 -18.70 1.00 10.32
C ALA A 44 -18.48 0.85 8.80
N SER A 45 -18.66 -0.36 8.28
CA SER A 45 -18.50 -0.65 6.86
C SER A 45 -19.01 -2.03 6.55
N GLU A 46 -18.93 -2.39 5.28
CA GLU A 46 -19.20 -3.74 4.83
C GLU A 46 -18.26 -4.79 5.39
N TRP A 47 -17.15 -4.37 6.05
CA TRP A 47 -16.30 -5.32 6.77
C TRP A 47 -16.81 -5.61 8.18
N TYR A 48 -17.97 -5.09 8.57
CA TYR A 48 -18.54 -5.39 9.89
C TYR A 48 -18.54 -6.88 10.24
N PRO A 49 -18.89 -7.78 9.29
CA PRO A 49 -18.89 -9.20 9.67
C PRO A 49 -17.54 -9.71 10.17
N ARG A 50 -16.46 -9.17 9.61
CA ARG A 50 -15.10 -9.51 10.07
C ARG A 50 -14.77 -8.80 11.38
N ASN A 51 -14.99 -7.49 11.43
CA ASN A 51 -14.51 -6.70 12.55
C ASN A 51 -15.34 -6.85 13.83
N MET A 52 -16.59 -7.30 13.75
CA MET A 52 -17.40 -7.52 14.93
C MET A 52 -16.72 -8.53 15.87
N TYR A 53 -15.86 -9.38 15.33
CA TYR A 53 -15.15 -10.39 16.12
C TYR A 53 -13.75 -9.94 16.55
N GLU A 54 -13.25 -8.85 15.99
CA GLU A 54 -11.85 -8.46 16.18
C GLU A 54 -11.61 -8.06 17.64
N PRO A 55 -10.54 -8.59 18.26
CA PRO A 55 -10.27 -8.19 19.64
C PRO A 55 -10.10 -6.69 19.80
N ASP A 56 -10.75 -6.14 20.82
CA ASP A 56 -10.61 -4.73 21.20
C ASP A 56 -11.06 -3.72 20.13
N SER A 57 -11.84 -4.13 19.14
CA SER A 57 -12.22 -3.16 18.09
C SER A 57 -13.46 -2.36 18.44
N ASP A 58 -13.63 -1.22 17.77
CA ASP A 58 -14.83 -0.45 17.93
C ASP A 58 -16.06 -1.24 17.47
N GLN A 59 -15.89 -2.05 16.42
CA GLN A 59 -17.01 -2.85 15.91
C GLN A 59 -17.43 -3.91 16.89
N ARG A 60 -16.47 -4.56 17.55
CA ARG A 60 -16.80 -5.53 18.59
C ARG A 60 -17.51 -4.87 19.76
N LYS A 61 -17.06 -3.67 20.15
CA LYS A 61 -17.67 -2.95 21.26
C LYS A 61 -19.11 -2.63 20.93
N HIS A 62 -19.35 -2.13 19.71
CA HIS A 62 -20.70 -1.80 19.27
C HIS A 62 -21.55 -3.07 19.25
N HIS A 63 -21.01 -4.15 18.71
CA HIS A 63 -21.75 -5.40 18.60
C HIS A 63 -22.17 -5.90 19.97
N THR A 64 -21.21 -5.84 20.89
CA THR A 64 -21.41 -6.36 22.24
C THR A 64 -22.47 -5.54 22.98
N GLU A 65 -22.46 -4.21 22.79
CA GLU A 65 -23.47 -3.37 23.40
C GLU A 65 -24.87 -3.48 22.78
N THR A 66 -24.94 -3.73 21.47
CA THR A 66 -26.20 -3.69 20.73
C THR A 66 -26.88 -5.06 20.65
N TYR A 67 -26.09 -6.10 20.45
CA TYR A 67 -26.58 -7.46 20.20
C TYR A 67 -26.20 -8.43 21.30
N GLY A 68 -24.90 -8.54 21.56
CA GLY A 68 -24.39 -9.43 22.59
C GLY A 68 -22.96 -9.74 22.22
N PRO A 69 -22.21 -10.40 23.11
CA PRO A 69 -20.86 -10.78 22.72
C PRO A 69 -20.85 -11.60 21.42
N PRO A 70 -19.88 -11.34 20.52
CA PRO A 70 -19.96 -12.01 19.23
C PRO A 70 -19.82 -13.53 19.31
N GLU A 71 -19.24 -14.01 20.42
CA GLU A 71 -19.14 -15.46 20.63
C GLU A 71 -20.50 -16.14 20.90
N GLU A 72 -21.48 -15.36 21.35
CA GLU A 72 -22.85 -15.82 21.54
C GLU A 72 -23.79 -15.36 20.40
N TRP A 73 -23.62 -14.13 19.94
CA TRP A 73 -24.47 -13.52 18.90
C TRP A 73 -23.56 -13.35 17.68
N GLY A 74 -23.36 -14.44 16.96
CA GLY A 74 -22.44 -14.45 15.85
C GLY A 74 -23.03 -13.84 14.58
N TYR A 75 -22.16 -13.67 13.59
CA TYR A 75 -22.58 -13.03 12.34
C TYR A 75 -23.76 -13.77 11.69
N GLU A 76 -23.78 -15.08 11.83
CA GLU A 76 -24.86 -15.87 11.23
C GLU A 76 -26.24 -15.44 11.72
N ASN A 77 -26.33 -14.83 12.90
CA ASN A 77 -27.63 -14.34 13.38
C ASN A 77 -28.24 -13.22 12.49
N PHE A 78 -27.42 -12.43 11.81
CA PHE A 78 -27.97 -11.42 10.89
C PHE A 78 -28.71 -12.07 9.72
N ILE A 79 -28.26 -13.26 9.34
CA ILE A 79 -28.85 -14.01 8.22
C ILE A 79 -30.06 -14.83 8.69
N LYS A 80 -29.91 -15.53 9.81
CA LYS A 80 -30.99 -16.40 10.31
C LYS A 80 -32.00 -15.69 11.21
N GLY A 81 -31.61 -14.51 11.70
CA GLY A 81 -32.47 -13.70 12.54
C GLY A 81 -32.30 -13.95 14.03
N ALA A 82 -32.32 -12.88 14.82
CA ALA A 82 -32.25 -12.99 16.28
C ALA A 82 -32.65 -11.68 16.92
N LYS A 83 -32.96 -11.71 18.23
CA LYS A 83 -33.28 -10.48 18.94
C LYS A 83 -32.02 -9.75 19.39
N ASP A 84 -32.04 -8.44 19.32
CA ASP A 84 -30.96 -7.64 19.88
C ASP A 84 -31.14 -7.49 21.41
N LYS A 85 -30.26 -6.73 22.05
CA LYS A 85 -30.27 -6.64 23.52
C LYS A 85 -31.51 -5.96 24.07
N LYS A 86 -32.17 -5.16 23.24
CA LYS A 86 -33.44 -4.52 23.61
C LYS A 86 -34.69 -5.27 23.15
N GLY A 87 -34.48 -6.48 22.65
CA GLY A 87 -35.58 -7.38 22.33
C GLY A 87 -36.18 -7.18 20.95
N ASN A 88 -35.54 -6.38 20.10
CA ASN A 88 -35.98 -6.16 18.73
C ASN A 88 -35.46 -7.26 17.80
N PHE A 89 -36.32 -7.81 16.96
CA PHE A 89 -35.90 -8.82 16.00
C PHE A 89 -35.08 -8.19 14.88
N VAL A 90 -33.89 -8.74 14.65
CA VAL A 90 -32.93 -8.24 13.67
C VAL A 90 -32.69 -9.31 12.62
N GLN A 91 -32.81 -8.94 11.34
CA GLN A 91 -32.51 -9.87 10.24
C GLN A 91 -32.38 -9.12 8.93
N PHE A 92 -31.49 -9.56 8.08
CA PHE A 92 -31.49 -9.12 6.68
C PHE A 92 -32.74 -9.72 6.03
N LYS A 93 -33.73 -8.89 5.78
CA LYS A 93 -35.05 -9.36 5.32
C LYS A 93 -35.79 -8.26 4.58
N PRO A 94 -35.25 -7.83 3.42
CA PRO A 94 -35.96 -6.82 2.64
C PRO A 94 -37.30 -7.36 2.20
N VAL A 95 -38.29 -6.50 2.23
CA VAL A 95 -39.67 -6.84 1.84
C VAL A 95 -40.06 -6.00 0.62
N LEU A 96 -40.49 -6.67 -0.47
CA LEU A 96 -40.86 -5.97 -1.69
C LEU A 96 -41.98 -4.94 -1.52
N LYS A 97 -41.85 -3.82 -2.21
CA LYS A 97 -42.92 -2.83 -2.28
C LYS A 97 -44.25 -3.45 -2.70
N SER A 98 -44.22 -4.39 -3.65
CA SER A 98 -45.45 -5.06 -4.09
C SER A 98 -46.09 -5.90 -2.98
N LYS A 99 -45.34 -6.19 -1.91
CA LYS A 99 -45.84 -6.87 -0.73
C LYS A 99 -46.04 -5.94 0.47
N GLY A 100 -46.06 -4.63 0.24
CA GLY A 100 -46.22 -3.69 1.32
C GLY A 100 -44.95 -3.19 1.97
N GLY A 101 -43.80 -3.66 1.50
CA GLY A 101 -42.52 -3.24 2.06
C GLY A 101 -41.90 -2.02 1.38
N GLU A 102 -40.61 -1.81 1.65
CA GLU A 102 -39.88 -0.62 1.21
C GLU A 102 -38.88 -0.93 0.11
N PHE A 103 -38.61 -2.20 -0.16
CA PHE A 103 -37.63 -2.58 -1.16
C PHE A 103 -38.26 -2.54 -2.57
N ASP A 104 -37.82 -1.60 -3.39
CA ASP A 104 -38.39 -1.39 -4.72
C ASP A 104 -37.28 -1.53 -5.76
N PRO A 105 -36.90 -2.77 -6.08
CA PRO A 105 -35.78 -2.94 -7.01
C PRO A 105 -36.05 -2.33 -8.40
N GLU A 106 -37.28 -2.36 -8.89
CA GLU A 106 -37.56 -1.77 -10.19
C GLU A 106 -37.28 -0.27 -10.20
N ALA A 107 -37.68 0.43 -9.13
CA ALA A 107 -37.40 1.86 -9.04
C ALA A 107 -35.89 2.12 -9.03
N ILE A 108 -35.14 1.30 -8.29
CA ILE A 108 -33.71 1.47 -8.21
C ILE A 108 -33.08 1.28 -9.58
N ILE A 109 -33.51 0.26 -10.32
CA ILE A 109 -32.94 0.05 -11.66
C ILE A 109 -33.32 1.18 -12.63
N LYS A 110 -34.51 1.75 -12.51
N LYS A 110 -34.50 1.77 -12.51
CA LYS A 110 -34.86 2.90 -13.34
CA LYS A 110 -34.82 2.91 -13.38
C LYS A 110 -33.94 4.10 -13.05
C LYS A 110 -33.93 4.12 -13.06
N ILE A 111 -33.62 4.33 -11.78
CA ILE A 111 -32.68 5.38 -11.39
C ILE A 111 -31.28 5.10 -11.96
N VAL A 112 -30.84 3.84 -11.85
CA VAL A 112 -29.55 3.47 -12.41
C VAL A 112 -29.51 3.70 -13.94
N LYS A 113 -30.58 3.28 -14.63
N LYS A 113 -30.57 3.29 -14.64
CA LYS A 113 -30.67 3.52 -16.06
CA LYS A 113 -30.61 3.52 -16.09
C LYS A 113 -30.60 5.02 -16.36
C LYS A 113 -30.60 5.04 -16.37
N GLY A 114 -31.34 5.79 -15.56
CA GLY A 114 -31.39 7.23 -15.71
C GLY A 114 -30.06 7.94 -15.47
N SER A 115 -29.15 7.27 -14.76
CA SER A 115 -27.81 7.82 -14.50
C SER A 115 -26.87 7.78 -15.71
N GLY A 116 -27.25 7.02 -16.75
CA GLY A 116 -26.43 6.83 -17.92
C GLY A 116 -25.53 5.58 -17.86
N ALA A 117 -25.70 4.74 -16.85
CA ALA A 117 -24.93 3.51 -16.72
C ALA A 117 -25.20 2.62 -17.95
N ARG A 118 -24.15 2.04 -18.52
CA ARG A 118 -24.32 1.11 -19.61
CA ARG A 118 -24.23 1.12 -19.64
C ARG A 118 -24.09 -0.34 -19.17
N PHE A 119 -23.59 -0.52 -17.94
CA PHE A 119 -23.55 -1.83 -17.29
C PHE A 119 -23.93 -1.62 -15.83
N ALA A 120 -24.57 -2.62 -15.23
CA ALA A 120 -25.05 -2.51 -13.89
C ALA A 120 -25.27 -3.87 -13.27
N GLY A 121 -25.24 -3.92 -11.95
CA GLY A 121 -25.63 -5.14 -11.26
C GLY A 121 -25.18 -5.17 -9.83
N PRO A 122 -25.51 -6.26 -9.14
CA PRO A 122 -25.22 -6.40 -7.70
C PRO A 122 -23.84 -6.96 -7.39
N VAL A 123 -23.38 -6.67 -6.18
CA VAL A 123 -22.49 -7.57 -5.49
C VAL A 123 -23.32 -8.83 -5.22
N ALA A 124 -22.93 -9.96 -5.82
CA ALA A 124 -23.68 -11.20 -5.65
C ALA A 124 -23.20 -11.97 -4.42
N GLU A 125 -21.91 -11.84 -4.09
CA GLU A 125 -21.38 -12.44 -2.85
C GLU A 125 -20.15 -11.61 -2.47
N HIS A 126 -20.15 -11.05 -1.27
CA HIS A 126 -19.00 -10.31 -0.79
C HIS A 126 -18.03 -11.28 -0.08
N HIS A 127 -17.31 -10.84 0.96
CA HIS A 127 -16.36 -11.70 1.68
C HIS A 127 -17.03 -12.53 2.78
N ASP A 128 -18.32 -12.27 3.06
CA ASP A 128 -19.01 -12.76 4.25
C ASP A 128 -19.71 -14.10 4.08
N GLY A 129 -19.49 -14.78 2.96
CA GLY A 129 -19.96 -16.14 2.79
C GLY A 129 -21.42 -16.35 2.39
N PHE A 130 -22.13 -15.25 2.12
CA PHE A 130 -23.59 -15.27 1.83
C PHE A 130 -23.76 -15.05 0.33
N SER A 131 -24.19 -16.11 -0.37
CA SER A 131 -24.42 -16.04 -1.81
C SER A 131 -25.82 -15.51 -2.05
N MET A 132 -26.01 -14.45 -2.83
CA MET A 132 -27.33 -13.80 -2.91
C MET A 132 -28.18 -14.26 -4.09
N TRP A 133 -27.83 -15.40 -4.69
CA TRP A 133 -28.70 -16.09 -5.66
C TRP A 133 -29.23 -17.38 -5.01
N ASP A 134 -30.15 -18.05 -5.68
CA ASP A 134 -30.69 -19.34 -5.22
C ASP A 134 -29.62 -20.39 -5.45
N SER A 135 -28.85 -20.70 -4.42
CA SER A 135 -27.65 -21.53 -4.55
C SER A 135 -27.86 -22.93 -3.97
N LYS A 136 -27.53 -23.94 -4.77
CA LYS A 136 -27.47 -25.33 -4.28
C LYS A 136 -26.14 -25.58 -3.58
N VAL A 137 -25.06 -24.96 -4.05
CA VAL A 137 -23.76 -25.25 -3.46
C VAL A 137 -23.53 -24.52 -2.15
N ASN A 138 -24.31 -23.46 -1.88
CA ASN A 138 -24.19 -22.70 -0.64
C ASN A 138 -25.57 -22.41 -0.07
N GLU A 139 -25.92 -23.10 1.02
CA GLU A 139 -27.20 -22.90 1.71
C GLU A 139 -27.36 -21.52 2.34
N TRP A 140 -26.25 -20.81 2.51
CA TRP A 140 -26.27 -19.48 3.09
C TRP A 140 -26.66 -18.50 2.00
N ASN A 141 -27.98 -18.35 1.82
CA ASN A 141 -28.50 -17.56 0.71
C ASN A 141 -29.87 -17.01 1.09
N PRO A 142 -30.35 -15.97 0.38
CA PRO A 142 -31.56 -15.26 0.75
C PRO A 142 -32.85 -15.91 0.26
N VAL A 143 -32.75 -17.05 -0.38
CA VAL A 143 -33.94 -17.87 -0.71
C VAL A 143 -34.21 -18.78 0.49
N ASN A 144 -33.19 -19.43 1.01
CA ASN A 144 -33.37 -20.26 2.23
C ASN A 144 -33.70 -19.47 3.48
N TYR A 145 -33.04 -18.33 3.64
CA TYR A 145 -33.14 -17.51 4.85
C TYR A 145 -33.56 -16.10 4.54
N GLY A 146 -34.09 -15.39 5.52
CA GLY A 146 -34.33 -13.98 5.38
C GLY A 146 -35.49 -13.67 4.45
N PRO A 147 -35.24 -12.93 3.36
CA PRO A 147 -36.35 -12.44 2.55
C PRO A 147 -37.04 -13.51 1.69
N LYS A 148 -36.44 -14.68 1.51
CA LYS A 148 -36.99 -15.74 0.63
C LYS A 148 -37.11 -15.23 -0.80
N LEU A 149 -36.08 -14.47 -1.23
CA LEU A 149 -35.99 -13.89 -2.58
C LEU A 149 -34.64 -14.20 -3.17
N ASP A 150 -34.63 -14.54 -4.45
CA ASP A 150 -33.40 -14.68 -5.21
C ASP A 150 -33.01 -13.28 -5.67
N LEU A 151 -32.28 -12.55 -4.81
CA LEU A 151 -31.97 -11.15 -5.06
C LEU A 151 -31.19 -10.96 -6.33
N VAL A 152 -30.20 -11.81 -6.56
CA VAL A 152 -29.36 -11.67 -7.75
C VAL A 152 -30.18 -11.86 -9.04
N LYS A 153 -31.07 -12.85 -9.07
N LYS A 153 -31.07 -12.85 -9.06
CA LYS A 153 -31.89 -13.07 -10.26
CA LYS A 153 -31.96 -13.09 -10.21
C LYS A 153 -32.88 -11.90 -10.49
C LYS A 153 -32.85 -11.89 -10.48
N LEU A 154 -33.47 -11.38 -9.42
CA LEU A 154 -34.37 -10.22 -9.49
C LEU A 154 -33.61 -9.03 -10.11
N TRP A 155 -32.41 -8.74 -9.60
CA TRP A 155 -31.63 -7.64 -10.15
C TRP A 155 -31.28 -7.88 -11.60
N ALA A 156 -30.83 -9.09 -11.91
CA ALA A 156 -30.38 -9.38 -13.26
C ALA A 156 -31.51 -9.23 -14.27
N ASP A 157 -32.68 -9.78 -13.92
CA ASP A 157 -33.83 -9.66 -14.83
C ASP A 157 -34.19 -8.20 -15.09
N LEU A 158 -34.15 -7.39 -14.04
CA LEU A 158 -34.44 -5.96 -14.19
C LEU A 158 -33.41 -5.22 -15.01
N VAL A 159 -32.12 -5.54 -14.82
CA VAL A 159 -31.07 -4.91 -15.62
C VAL A 159 -31.28 -5.20 -17.11
N ARG A 160 -31.60 -6.44 -17.45
N ARG A 160 -31.59 -6.45 -17.43
N ARG A 160 -31.60 -6.45 -17.45
CA ARG A 160 -31.86 -6.80 -18.85
CA ARG A 160 -31.89 -6.86 -18.80
CA ARG A 160 -31.86 -6.80 -18.85
C ARG A 160 -33.11 -6.12 -19.40
C ARG A 160 -33.09 -6.11 -19.37
C ARG A 160 -33.11 -6.10 -19.39
N GLU A 161 -34.16 -6.00 -18.58
CA GLU A 161 -35.41 -5.32 -19.00
C GLU A 161 -35.14 -3.87 -19.32
N ASN A 162 -34.11 -3.31 -18.70
CA ASN A 162 -33.77 -1.91 -18.86
C ASN A 162 -32.55 -1.65 -19.77
N ASP A 163 -32.20 -2.68 -20.54
N ASP A 163 -32.22 -2.62 -20.62
CA ASP A 163 -31.25 -2.59 -21.64
CA ASP A 163 -31.21 -2.42 -21.65
C ASP A 163 -29.85 -2.09 -21.26
C ASP A 163 -29.88 -1.90 -21.11
N MET A 164 -29.34 -2.64 -20.15
CA MET A 164 -27.98 -2.47 -19.72
C MET A 164 -27.32 -3.85 -19.70
N LYS A 165 -26.01 -3.87 -19.91
CA LYS A 165 -25.21 -5.07 -19.70
C LYS A 165 -25.16 -5.37 -18.20
N LEU A 166 -24.98 -6.64 -17.88
CA LEU A 166 -25.01 -7.10 -16.49
C LEU A 166 -23.58 -7.35 -15.97
N VAL A 167 -23.25 -6.64 -14.88
CA VAL A 167 -22.05 -6.95 -14.09
C VAL A 167 -22.47 -7.65 -12.81
N ILE A 168 -21.69 -8.66 -12.43
CA ILE A 168 -21.83 -9.33 -11.13
C ILE A 168 -20.49 -9.25 -10.41
N ALA A 169 -20.50 -8.76 -9.18
CA ALA A 169 -19.29 -8.70 -8.34
C ALA A 169 -19.25 -9.85 -7.35
N MET A 170 -18.07 -10.47 -7.30
CA MET A 170 -17.79 -11.65 -6.50
C MET A 170 -16.54 -11.42 -5.67
N HIS A 171 -16.64 -11.55 -4.36
CA HIS A 171 -15.52 -11.29 -3.46
C HIS A 171 -15.26 -12.50 -2.53
N GLN A 172 -15.46 -13.70 -3.07
CA GLN A 172 -15.57 -14.90 -2.23
C GLN A 172 -14.24 -15.58 -1.93
N ALA A 173 -13.14 -15.09 -2.49
CA ALA A 173 -11.81 -15.63 -2.13
C ALA A 173 -11.37 -15.26 -0.74
N TYR A 174 -11.55 -14.01 -0.31
CA TYR A 174 -11.01 -13.62 0.99
C TYR A 174 -11.80 -14.25 2.13
N ASN A 175 -13.01 -14.72 1.84
CA ASN A 175 -13.82 -15.43 2.80
C ASN A 175 -13.07 -16.52 3.59
N TYR A 176 -12.24 -17.28 2.90
CA TYR A 176 -11.50 -18.37 3.53
C TYR A 176 -10.01 -18.10 3.58
N ASN A 177 -9.61 -16.87 3.27
CA ASN A 177 -8.20 -16.45 3.30
C ASN A 177 -7.95 -15.39 4.37
N GLY A 178 -8.84 -15.28 5.35
CA GLY A 178 -8.60 -14.45 6.52
C GLY A 178 -9.74 -13.56 6.95
N PHE A 179 -10.72 -13.30 6.09
CA PHE A 179 -11.78 -12.36 6.48
C PHE A 179 -12.38 -12.67 7.84
N PHE A 180 -12.69 -13.95 8.05
CA PHE A 180 -13.32 -14.37 9.29
C PHE A 180 -12.31 -14.95 10.30
N GLN A 181 -11.07 -14.46 10.26
CA GLN A 181 -10.01 -15.05 11.12
C GLN A 181 -10.35 -14.97 12.62
N TRP A 182 -11.13 -13.99 13.04
CA TRP A 182 -11.44 -13.81 14.47
C TRP A 182 -12.73 -14.50 14.93
N ALA A 183 -13.48 -15.11 14.00
CA ALA A 183 -14.69 -15.85 14.40
C ALA A 183 -14.30 -17.10 15.19
N PRO A 184 -15.13 -17.49 16.17
CA PRO A 184 -14.84 -18.74 16.89
C PRO A 184 -14.79 -19.93 15.94
N LYS A 185 -13.95 -20.89 16.24
CA LYS A 185 -13.98 -22.15 15.54
C LYS A 185 -15.29 -22.84 15.82
N THR A 186 -15.82 -23.51 14.80
CA THR A 186 -17.05 -24.28 14.95
C THR A 186 -16.93 -25.66 14.30
N ASN A 187 -17.59 -26.64 14.91
CA ASN A 187 -17.69 -27.98 14.37
C ASN A 187 -18.96 -28.24 13.59
N ASP A 188 -19.82 -27.23 13.52
N ASP A 188 -19.83 -27.25 13.54
CA ASP A 188 -21.03 -27.22 12.69
CA ASP A 188 -20.97 -27.35 12.69
C ASP A 188 -20.59 -27.05 11.23
C ASP A 188 -20.51 -27.11 11.26
N THR A 189 -20.71 -28.10 10.42
CA THR A 189 -20.16 -28.05 9.07
C THR A 189 -20.87 -27.01 8.21
N SER A 190 -22.15 -26.74 8.46
CA SER A 190 -22.83 -25.71 7.69
C SER A 190 -22.26 -24.34 8.05
N LEU A 191 -22.10 -24.07 9.34
CA LEU A 191 -21.52 -22.81 9.77
C LEU A 191 -20.07 -22.65 9.29
N GLN A 192 -19.31 -23.73 9.22
CA GLN A 192 -17.98 -23.68 8.65
C GLN A 192 -18.00 -23.13 7.23
N LYS A 193 -19.01 -23.49 6.47
CA LYS A 193 -19.10 -22.99 5.09
C LYS A 193 -19.28 -21.46 5.07
N LEU A 194 -20.14 -20.94 5.92
CA LEU A 194 -20.31 -19.48 6.00
C LEU A 194 -18.99 -18.76 6.35
N LEU A 195 -18.30 -19.31 7.34
CA LEU A 195 -17.17 -18.65 7.99
C LEU A 195 -15.80 -19.04 7.40
N GLY A 196 -15.80 -19.77 6.30
CA GLY A 196 -14.57 -20.10 5.60
C GLY A 196 -13.65 -21.04 6.37
N GLN A 197 -14.24 -21.98 7.13
CA GLN A 197 -13.49 -22.92 7.97
C GLN A 197 -13.48 -24.34 7.43
N LEU A 198 -13.95 -24.57 6.20
CA LEU A 198 -13.90 -25.91 5.63
C LEU A 198 -12.46 -26.22 5.24
N PRO A 199 -12.16 -27.49 4.97
CA PRO A 199 -10.81 -27.80 4.47
C PRO A 199 -10.49 -26.99 3.22
N ARG A 200 -9.24 -26.61 3.00
N ARG A 200 -9.25 -26.58 3.14
CA ARG A 200 -8.90 -25.71 1.89
CA ARG A 200 -8.76 -25.69 2.14
C ARG A 200 -9.23 -26.29 0.51
C ARG A 200 -9.18 -26.16 0.74
N ASP A 201 -9.08 -27.60 0.32
N ASP A 201 -9.01 -27.45 0.45
CA ASP A 201 -9.41 -28.16 -0.99
CA ASP A 201 -9.36 -27.99 -0.85
C ASP A 201 -10.90 -27.98 -1.27
C ASP A 201 -10.84 -27.77 -1.18
N GLU A 202 -11.70 -28.07 -0.22
CA GLU A 202 -13.14 -27.89 -0.35
C GLU A 202 -13.45 -26.42 -0.59
N GLU A 203 -12.73 -25.52 0.06
CA GLU A 203 -12.96 -24.08 -0.13
C GLU A 203 -12.58 -23.67 -1.54
N ASP A 204 -11.45 -24.18 -2.05
CA ASP A 204 -11.03 -23.86 -3.42
C ASP A 204 -12.07 -24.37 -4.42
N GLN A 205 -12.59 -25.56 -4.19
CA GLN A 205 -13.63 -26.09 -5.04
C GLN A 205 -14.90 -25.23 -4.97
N LEU A 206 -15.28 -24.80 -3.77
CA LEU A 206 -16.45 -23.98 -3.55
C LEU A 206 -16.29 -22.63 -4.24
N TRP A 207 -15.08 -22.09 -4.29
CA TRP A 207 -14.86 -20.80 -4.98
C TRP A 207 -15.28 -20.91 -6.42
N PHE A 208 -14.83 -21.98 -7.07
CA PHE A 208 -15.19 -22.29 -8.45
C PHE A 208 -16.67 -22.61 -8.60
N ASP A 209 -17.20 -23.46 -7.72
CA ASP A 209 -18.59 -23.90 -7.85
C ASP A 209 -19.54 -22.71 -7.70
N LYS A 210 -19.21 -21.76 -6.82
CA LYS A 210 -20.02 -20.55 -6.67
C LYS A 210 -20.04 -19.74 -7.98
N HIS A 211 -18.86 -19.49 -8.55
CA HIS A 211 -18.80 -18.80 -9.84
C HIS A 211 -19.59 -19.52 -10.93
N ARG A 212 -19.40 -20.83 -11.05
N ARG A 212 -19.41 -20.83 -11.07
CA ARG A 212 -20.05 -21.62 -12.08
CA ARG A 212 -20.07 -21.59 -12.13
C ARG A 212 -21.57 -21.56 -11.98
C ARG A 212 -21.59 -21.51 -11.98
N GLU A 213 -22.08 -21.74 -10.77
CA GLU A 213 -23.52 -21.76 -10.51
C GLU A 213 -24.09 -20.38 -10.81
N MET A 214 -23.44 -19.34 -10.30
CA MET A 214 -23.93 -17.98 -10.50
C MET A 214 -23.93 -17.64 -11.98
N LEU A 215 -22.88 -18.00 -12.71
CA LEU A 215 -22.78 -17.48 -14.07
C LEU A 215 -23.70 -18.24 -15.03
N ASP A 216 -23.96 -19.52 -14.76
CA ASP A 216 -24.96 -20.24 -15.52
C ASP A 216 -26.37 -19.75 -15.19
N HIS A 217 -26.56 -19.23 -13.99
CA HIS A 217 -27.88 -18.75 -13.51
C HIS A 217 -28.28 -17.42 -14.12
N VAL A 218 -27.35 -16.50 -14.29
CA VAL A 218 -27.68 -15.15 -14.76
C VAL A 218 -26.92 -14.68 -16.00
N GLN A 219 -26.01 -15.49 -16.52
CA GLN A 219 -25.27 -15.15 -17.74
C GLN A 219 -24.67 -13.73 -17.76
N PRO A 220 -23.83 -13.42 -16.78
CA PRO A 220 -23.27 -12.06 -16.71
C PRO A 220 -22.37 -11.69 -17.88
N ASP A 221 -22.44 -10.43 -18.27
CA ASP A 221 -21.54 -9.87 -19.26
C ASP A 221 -20.17 -9.56 -18.69
N ILE A 222 -20.13 -9.24 -17.41
CA ILE A 222 -18.90 -8.97 -16.69
C ILE A 222 -18.94 -9.70 -15.36
N ILE A 223 -17.91 -10.46 -15.04
CA ILE A 223 -17.72 -10.98 -13.67
C ILE A 223 -16.54 -10.24 -13.04
N TRP A 224 -16.84 -9.45 -12.01
CA TRP A 224 -15.87 -8.65 -11.29
C TRP A 224 -15.40 -9.48 -10.11
N ASN A 225 -14.08 -9.56 -9.91
CA ASN A 225 -13.48 -10.32 -8.80
C ASN A 225 -12.69 -9.44 -7.87
N ASP A 226 -12.76 -9.73 -6.58
CA ASP A 226 -11.94 -9.06 -5.59
C ASP A 226 -10.62 -9.83 -5.37
N PHE A 227 -9.80 -9.28 -4.48
CA PHE A 227 -8.44 -9.75 -4.21
C PHE A 227 -8.42 -11.12 -3.53
N SER A 228 -7.20 -11.61 -3.25
CA SER A 228 -6.95 -12.94 -2.67
C SER A 228 -7.12 -14.04 -3.71
N LEU A 229 -7.02 -13.70 -4.99
CA LEU A 229 -6.89 -14.70 -6.04
C LEU A 229 -5.44 -15.27 -6.03
N ASP A 230 -4.47 -14.36 -6.00
CA ASP A 230 -3.05 -14.72 -5.72
C ASP A 230 -2.38 -13.41 -5.33
N SER A 231 -2.63 -12.98 -4.11
CA SER A 231 -2.08 -11.72 -3.62
C SER A 231 -1.45 -11.93 -2.26
N PRO A 232 -0.32 -12.66 -2.26
CA PRO A 232 0.42 -12.91 -1.02
C PRO A 232 0.80 -11.60 -0.35
N GLY A 233 0.58 -11.57 0.96
CA GLY A 233 0.86 -10.42 1.78
C GLY A 233 -0.29 -9.44 1.95
N GLU A 234 -1.42 -9.70 1.31
CA GLU A 234 -2.55 -8.77 1.32
C GLU A 234 -3.69 -9.19 2.27
N CYS A 235 -3.47 -10.25 3.03
CA CYS A 235 -4.48 -10.83 3.91
C CYS A 235 -4.14 -10.63 5.40
N GLY A 236 -3.49 -9.51 5.68
CA GLY A 236 -3.28 -9.09 7.04
C GLY A 236 -2.49 -10.13 7.81
N SER A 237 -2.92 -10.42 9.03
CA SER A 237 -2.18 -11.29 9.92
C SER A 237 -2.52 -12.78 9.78
N PHE A 238 -3.52 -13.11 8.97
CA PHE A 238 -3.91 -14.51 8.81
C PHE A 238 -2.77 -15.27 8.17
N GLU A 239 -2.50 -16.46 8.70
CA GLU A 239 -1.44 -17.30 8.14
C GLU A 239 -2.05 -18.10 7.00
N GLY A 240 -1.59 -17.82 5.79
CA GLY A 240 -2.17 -18.43 4.60
C GLY A 240 -1.63 -17.74 3.36
N PRO A 241 -1.90 -18.33 2.19
CA PRO A 241 -1.36 -17.86 0.91
C PRO A 241 -2.08 -16.65 0.33
N CYS A 242 -3.24 -16.28 0.88
CA CYS A 242 -3.99 -15.13 0.34
C CYS A 242 -4.22 -15.39 -1.15
N ALA A 243 -4.73 -16.58 -1.43
CA ALA A 243 -4.85 -17.08 -2.78
C ALA A 243 -5.94 -18.13 -2.92
N VAL A 244 -6.32 -18.32 -4.18
CA VAL A 244 -7.16 -19.43 -4.64
C VAL A 244 -6.27 -20.41 -5.42
N ASP A 245 -6.50 -21.70 -5.21
CA ASP A 245 -5.76 -22.68 -5.98
C ASP A 245 -5.70 -22.33 -7.49
N GLU A 246 -4.51 -22.42 -8.08
CA GLU A 246 -4.28 -22.03 -9.44
C GLU A 246 -5.14 -22.79 -10.45
N GLN A 247 -5.28 -24.11 -10.22
N GLN A 247 -5.28 -24.10 -10.30
CA GLN A 247 -6.08 -24.95 -11.09
CA GLN A 247 -6.10 -24.83 -11.27
C GLN A 247 -7.53 -24.45 -11.13
C GLN A 247 -7.58 -24.44 -11.16
N LYS A 248 -8.05 -24.08 -9.96
CA LYS A 248 -9.43 -23.61 -9.85
C LYS A 248 -9.62 -22.26 -10.54
N ARG A 249 -8.63 -21.38 -10.42
CA ARG A 249 -8.67 -20.12 -11.18
C ARG A 249 -8.72 -20.36 -12.68
N LEU A 250 -7.89 -21.27 -13.16
CA LEU A 250 -7.84 -21.58 -14.57
C LEU A 250 -9.14 -22.26 -15.03
N GLU A 251 -9.73 -23.10 -14.18
CA GLU A 251 -10.98 -23.75 -14.54
C GLU A 251 -12.12 -22.72 -14.64
N PHE A 252 -12.12 -21.74 -13.73
CA PHE A 252 -13.07 -20.63 -13.83
C PHE A 252 -12.94 -19.86 -15.16
N LEU A 253 -11.72 -19.45 -15.50
CA LEU A 253 -11.50 -18.69 -16.72
C LEU A 253 -11.97 -19.47 -17.95
N ALA A 254 -11.53 -20.73 -18.05
CA ALA A 254 -11.96 -21.54 -19.19
C ALA A 254 -13.48 -21.73 -19.24
N TYR A 255 -14.09 -22.00 -18.07
CA TYR A 255 -15.54 -22.22 -18.04
C TYR A 255 -16.32 -20.98 -18.49
N TYR A 256 -15.96 -19.83 -17.93
CA TYR A 256 -16.64 -18.59 -18.27
C TYR A 256 -16.40 -18.22 -19.73
N PHE A 257 -15.15 -18.29 -20.21
CA PHE A 257 -14.86 -17.90 -21.59
C PHE A 257 -15.54 -18.88 -22.58
N ASN A 258 -15.65 -20.14 -22.21
CA ASN A 258 -16.39 -21.09 -23.05
C ASN A 258 -17.89 -20.80 -23.06
N ARG A 259 -18.44 -20.47 -21.90
CA ARG A 259 -19.86 -20.12 -21.86
C ARG A 259 -20.12 -18.87 -22.71
N GLY A 260 -19.22 -17.89 -22.68
CA GLY A 260 -19.39 -16.70 -23.49
C GLY A 260 -19.54 -17.04 -24.96
N GLU A 261 -18.67 -17.93 -25.43
CA GLU A 261 -18.73 -18.39 -26.80
C GLU A 261 -20.07 -19.08 -27.07
N GLU A 262 -20.51 -19.92 -26.15
CA GLU A 262 -21.77 -20.63 -26.30
C GLU A 262 -22.96 -19.68 -26.38
N TRP A 263 -22.91 -18.63 -25.56
CA TRP A 263 -23.99 -17.66 -25.49
C TRP A 263 -23.97 -16.68 -26.67
N GLY A 264 -22.87 -16.63 -27.42
CA GLY A 264 -22.70 -15.65 -28.48
C GLY A 264 -22.43 -14.24 -27.99
N LYS A 265 -21.74 -14.15 -26.86
CA LYS A 265 -21.48 -12.90 -26.17
C LYS A 265 -19.99 -12.73 -25.96
N GLU A 266 -19.53 -11.50 -25.95
CA GLU A 266 -18.18 -11.15 -25.58
C GLU A 266 -18.18 -10.77 -24.11
N VAL A 267 -17.62 -11.65 -23.27
CA VAL A 267 -17.69 -11.48 -21.83
C VAL A 267 -16.38 -10.93 -21.30
N VAL A 268 -16.46 -10.37 -20.10
CA VAL A 268 -15.31 -9.74 -19.46
C VAL A 268 -15.16 -10.24 -18.04
N THR A 269 -13.93 -10.49 -17.58
CA THR A 269 -13.72 -10.65 -16.16
C THR A 269 -12.64 -9.68 -15.67
N THR A 270 -12.87 -9.10 -14.50
CA THR A 270 -11.95 -8.12 -13.91
C THR A 270 -11.33 -8.71 -12.62
N TYR A 271 -10.19 -8.18 -12.25
CA TYR A 271 -9.51 -8.62 -11.02
C TYR A 271 -8.72 -7.42 -10.51
N LYS A 272 -8.40 -7.40 -9.22
CA LYS A 272 -7.69 -6.24 -8.66
C LYS A 272 -6.29 -6.10 -9.24
N HIS A 273 -5.92 -4.86 -9.59
N HIS A 273 -5.89 -4.88 -9.61
CA HIS A 273 -4.67 -4.56 -10.30
CA HIS A 273 -4.68 -4.70 -10.39
C HIS A 273 -3.44 -5.16 -9.67
C HIS A 273 -3.39 -5.14 -9.68
N HIS A 274 -3.36 -5.11 -8.36
CA HIS A 274 -2.17 -5.55 -7.61
C HIS A 274 -2.11 -7.07 -7.45
N ASP A 275 -3.24 -7.73 -7.70
CA ASP A 275 -3.37 -9.17 -7.53
C ASP A 275 -2.75 -9.88 -8.73
N HIS A 276 -2.13 -11.04 -8.48
CA HIS A 276 -1.45 -11.79 -9.52
C HIS A 276 -2.31 -12.98 -9.99
N GLY A 277 -3.53 -13.08 -9.50
CA GLY A 277 -4.31 -14.28 -9.72
C GLY A 277 -4.77 -14.55 -11.13
N PHE A 278 -5.03 -13.49 -11.90
CA PHE A 278 -5.31 -13.61 -13.32
C PHE A 278 -4.22 -12.86 -14.10
N ARG A 279 -4.29 -12.94 -15.43
N ARG A 279 -4.29 -12.92 -15.43
CA ARG A 279 -3.34 -12.26 -16.31
CA ARG A 279 -3.35 -12.23 -16.31
C ARG A 279 -4.05 -11.12 -17.05
C ARG A 279 -4.03 -11.16 -17.16
N ASN A 280 -3.29 -10.09 -17.41
CA ASN A 280 -3.83 -8.93 -18.14
C ASN A 280 -3.90 -9.21 -19.64
N THR A 281 -3.56 -10.42 -20.07
CA THR A 281 -3.85 -10.88 -21.41
C THR A 281 -5.33 -11.17 -21.65
N SER A 282 -6.04 -11.60 -20.60
CA SER A 282 -7.40 -12.08 -20.79
C SER A 282 -8.40 -11.50 -19.80
N ALA A 283 -7.92 -10.88 -18.73
CA ALA A 283 -8.76 -10.24 -17.70
C ALA A 283 -8.39 -8.77 -17.62
N VAL A 284 -9.33 -7.95 -17.20
CA VAL A 284 -9.15 -6.51 -17.11
C VAL A 284 -8.71 -6.11 -15.71
N ASP A 285 -7.62 -5.35 -15.62
CA ASP A 285 -7.11 -4.86 -14.34
C ASP A 285 -8.06 -3.82 -13.75
N ASP A 286 -8.38 -3.98 -12.47
CA ASP A 286 -9.28 -3.07 -11.75
C ASP A 286 -8.46 -2.32 -10.71
N TRP A 287 -8.18 -1.06 -10.99
CA TRP A 287 -7.32 -0.26 -10.13
C TRP A 287 -8.00 0.18 -8.87
N GLU A 288 -7.19 0.43 -7.85
CA GLU A 288 -7.65 0.96 -6.58
C GLU A 288 -8.39 2.28 -6.78
N ARG A 289 -9.25 2.62 -5.83
CA ARG A 289 -10.06 3.84 -5.93
C ARG A 289 -9.23 5.09 -6.24
N GLY A 290 -9.71 5.89 -7.20
CA GLY A 290 -8.95 7.02 -7.70
C GLY A 290 -8.33 6.71 -9.05
N GLY A 291 -8.04 5.42 -9.29
CA GLY A 291 -7.37 5.01 -10.51
C GLY A 291 -5.90 5.41 -10.63
N PRO A 292 -5.29 5.17 -11.77
CA PRO A 292 -3.88 5.53 -12.01
C PRO A 292 -3.67 7.04 -12.15
N SER A 293 -2.47 7.52 -11.87
N SER A 293 -2.46 7.50 -11.85
CA SER A 293 -2.16 8.92 -12.04
CA SER A 293 -2.08 8.90 -12.02
C SER A 293 -1.90 9.25 -13.51
C SER A 293 -1.91 9.24 -13.49
N ASN A 294 -1.59 8.23 -14.29
CA ASN A 294 -1.26 8.40 -15.69
C ASN A 294 -2.18 7.63 -16.64
N LEU A 295 -2.01 7.85 -17.93
CA LEU A 295 -2.69 7.06 -18.96
C LEU A 295 -2.07 5.68 -19.06
N VAL A 296 -2.88 4.67 -18.75
CA VAL A 296 -2.42 3.29 -18.71
C VAL A 296 -3.00 2.47 -19.87
N ARG A 297 -2.16 1.62 -20.45
CA ARG A 297 -2.61 0.66 -21.47
C ARG A 297 -2.07 -0.71 -21.05
N PRO A 298 -2.83 -1.78 -21.29
CA PRO A 298 -4.09 -1.79 -22.04
C PRO A 298 -5.28 -1.32 -21.21
N TYR A 299 -6.43 -1.34 -21.88
CA TYR A 299 -7.70 -0.87 -21.28
C TYR A 299 -7.92 -1.48 -19.89
N TRP A 300 -8.33 -0.65 -18.94
CA TRP A 300 -8.46 -1.02 -17.53
C TRP A 300 -9.77 -0.45 -16.97
N GLN A 301 -10.07 -0.72 -15.71
CA GLN A 301 -11.18 -0.04 -15.04
C GLN A 301 -10.82 0.25 -13.60
N THR A 302 -11.69 0.99 -12.92
CA THR A 302 -11.53 1.26 -11.52
C THR A 302 -12.94 1.35 -10.91
N ASP A 303 -13.02 1.21 -9.61
CA ASP A 303 -14.29 1.36 -8.88
C ASP A 303 -14.28 2.63 -8.03
N ASP A 304 -15.42 3.30 -7.90
CA ASP A 304 -15.54 4.45 -7.02
C ASP A 304 -16.86 4.32 -6.27
N ALA A 305 -17.19 5.31 -5.44
CA ALA A 305 -18.38 5.21 -4.60
C ALA A 305 -18.92 6.60 -4.28
N ILE A 306 -20.24 6.75 -4.19
CA ILE A 306 -20.80 8.02 -3.78
C ILE A 306 -20.41 8.28 -2.30
N SER A 307 -19.88 7.27 -1.56
N SER A 307 -20.51 7.23 -1.54
CA SER A 307 -19.20 7.48 -0.21
CA SER A 307 -20.27 7.33 -0.13
C SER A 307 -17.74 6.95 0.04
C SER A 307 -18.87 7.82 0.13
N ALA A 308 -16.93 7.67 0.85
N ALA A 308 -18.77 8.73 1.09
CA ALA A 308 -15.56 7.20 1.20
CA ALA A 308 -17.53 9.27 1.57
C ALA A 308 -15.38 6.48 2.51
C ALA A 308 -17.16 8.53 2.85
N SER A 309 -16.37 6.55 3.39
N SER A 309 -17.94 7.51 3.19
CA SER A 309 -16.29 5.94 4.72
CA SER A 309 -17.67 6.69 4.33
C SER A 309 -16.73 4.50 4.64
C SER A 309 -17.16 5.30 3.78
N SER A 310 -17.89 4.22 4.02
CA SER A 310 -17.84 2.84 3.48
C SER A 310 -18.54 2.51 2.13
N TRP A 311 -18.40 1.28 1.62
CA TRP A 311 -19.09 0.83 0.38
C TRP A 311 -20.55 0.48 0.66
N SER A 312 -20.88 0.17 1.90
CA SER A 312 -22.23 -0.24 2.30
C SER A 312 -22.84 0.80 3.25
N TYR A 313 -24.15 0.94 3.22
CA TYR A 313 -24.83 1.95 4.01
C TYR A 313 -24.56 1.79 5.50
N THR A 314 -24.25 2.92 6.13
CA THR A 314 -24.13 2.97 7.58
C THR A 314 -24.89 4.20 8.10
N VAL A 315 -25.39 4.11 9.33
CA VAL A 315 -26.05 5.27 9.91
C VAL A 315 -25.04 6.40 10.06
N GLY A 316 -25.39 7.58 9.54
CA GLY A 316 -24.50 8.72 9.58
C GLY A 316 -23.57 8.85 8.37
N ILE A 317 -23.74 7.98 7.38
CA ILE A 317 -22.92 8.00 6.16
C ILE A 317 -22.90 9.38 5.50
N LYS A 318 -21.72 9.77 5.01
CA LYS A 318 -21.56 11.01 4.27
C LYS A 318 -21.29 10.68 2.81
N TYR A 319 -21.58 11.63 1.93
CA TYR A 319 -21.46 11.40 0.49
C TYR A 319 -20.60 12.46 -0.19
N TYR A 320 -20.02 12.06 -1.32
CA TYR A 320 -19.37 13.02 -2.18
C TYR A 320 -20.34 13.69 -3.12
N SER A 321 -19.87 14.74 -3.80
CA SER A 321 -20.72 15.53 -4.65
C SER A 321 -20.85 14.97 -6.07
N SER A 322 -21.95 15.36 -6.73
N SER A 322 -21.90 15.36 -6.79
CA SER A 322 -22.16 15.08 -8.15
CA SER A 322 -22.03 14.91 -8.17
C SER A 322 -20.96 15.52 -8.98
C SER A 322 -20.93 15.52 -9.05
N LYS A 323 -20.45 16.71 -8.72
CA LYS A 323 -19.32 17.27 -9.43
C LYS A 323 -18.12 16.34 -9.34
N ALA A 324 -17.80 15.87 -8.13
CA ALA A 324 -16.67 14.98 -7.96
C ALA A 324 -16.86 13.69 -8.75
N MET A 325 -18.08 13.15 -8.76
CA MET A 325 -18.32 11.92 -9.50
C MET A 325 -18.16 12.11 -11.00
N VAL A 326 -18.67 13.22 -11.52
CA VAL A 326 -18.55 13.49 -12.95
C VAL A 326 -17.11 13.79 -13.34
N HIS A 327 -16.42 14.66 -12.59
CA HIS A 327 -15.00 14.91 -12.88
C HIS A 327 -14.16 13.63 -12.77
N SER A 328 -14.49 12.78 -11.82
CA SER A 328 -13.77 11.53 -11.66
C SER A 328 -13.99 10.65 -12.89
N LEU A 329 -15.24 10.53 -13.35
CA LEU A 329 -15.54 9.75 -14.54
C LEU A 329 -14.71 10.25 -15.74
N LEU A 330 -14.72 11.57 -15.96
CA LEU A 330 -13.98 12.13 -17.08
C LEU A 330 -12.49 11.83 -16.99
N ASP A 331 -11.94 11.95 -15.78
CA ASP A 331 -10.55 11.62 -15.56
C ASP A 331 -10.26 10.17 -15.92
N ARG A 332 -11.04 9.23 -15.43
N ARG A 332 -11.05 9.22 -15.43
CA ARG A 332 -10.77 7.81 -15.70
CA ARG A 332 -10.79 7.80 -15.71
C ARG A 332 -10.89 7.51 -17.19
C ARG A 332 -10.86 7.54 -17.20
N VAL A 333 -11.91 8.04 -17.84
CA VAL A 333 -12.13 7.77 -19.24
C VAL A 333 -10.99 8.34 -20.08
N SER A 334 -10.49 9.52 -19.72
CA SER A 334 -9.40 10.15 -20.45
C SER A 334 -8.09 9.34 -20.33
N LYS A 335 -7.95 8.54 -19.27
CA LYS A 335 -6.75 7.75 -19.02
C LYS A 335 -6.86 6.31 -19.50
N ASN A 336 -7.88 6.03 -20.31
CA ASN A 336 -8.08 4.74 -21.02
C ASN A 336 -8.75 3.69 -20.16
N GLY A 337 -9.65 4.12 -19.29
CA GLY A 337 -10.40 3.22 -18.43
C GLY A 337 -11.91 3.44 -18.39
N ASN A 338 -12.60 2.51 -17.75
CA ASN A 338 -13.99 2.69 -17.31
C ASN A 338 -14.05 2.97 -15.80
N MET A 339 -15.15 3.57 -15.36
CA MET A 339 -15.42 3.78 -13.94
C MET A 339 -16.69 3.05 -13.57
N LEU A 340 -16.58 2.18 -12.57
CA LEU A 340 -17.73 1.45 -12.01
C LEU A 340 -18.06 2.07 -10.67
N LEU A 341 -19.21 2.75 -10.59
CA LEU A 341 -19.64 3.49 -9.42
C LEU A 341 -20.51 2.67 -8.49
N ASN A 342 -20.12 2.63 -7.22
CA ASN A 342 -20.87 1.92 -6.19
C ASN A 342 -21.89 2.81 -5.50
N ILE A 343 -23.10 2.27 -5.33
CA ILE A 343 -24.16 2.90 -4.53
C ILE A 343 -24.49 1.99 -3.35
N SER A 344 -25.20 2.56 -2.37
CA SER A 344 -25.30 1.95 -1.04
C SER A 344 -26.71 1.99 -0.47
N PRO A 345 -27.57 1.05 -0.91
CA PRO A 345 -28.92 0.98 -0.32
C PRO A 345 -28.87 0.64 1.17
N MET A 346 -29.86 1.13 1.91
CA MET A 346 -30.02 0.75 3.31
C MET A 346 -30.40 -0.70 3.44
N ALA A 347 -30.25 -1.26 4.64
CA ALA A 347 -30.52 -2.67 4.86
C ALA A 347 -31.93 -3.09 4.40
N ASN A 348 -32.88 -2.17 4.53
CA ASN A 348 -34.26 -2.44 4.13
C ASN A 348 -34.51 -2.35 2.62
N GLY A 349 -33.50 -1.95 1.85
CA GLY A 349 -33.61 -1.89 0.40
C GLY A 349 -33.88 -0.52 -0.17
N VAL A 350 -34.02 0.49 0.69
CA VAL A 350 -34.25 1.86 0.25
C VAL A 350 -32.96 2.52 -0.20
N LEU A 351 -32.98 3.17 -1.36
CA LEU A 351 -31.85 3.98 -1.81
C LEU A 351 -32.01 5.42 -1.33
N PRO A 352 -31.09 5.90 -0.47
CA PRO A 352 -31.28 7.25 0.09
C PRO A 352 -31.34 8.38 -0.95
N GLU A 353 -32.16 9.40 -0.68
CA GLU A 353 -32.37 10.47 -1.64
C GLU A 353 -31.08 11.19 -2.05
N GLU A 354 -30.11 11.31 -1.16
CA GLU A 354 -28.87 12.00 -1.53
C GLU A 354 -28.15 11.23 -2.66
N GLN A 355 -28.23 9.92 -2.62
CA GLN A 355 -27.60 9.10 -3.65
C GLN A 355 -28.36 9.19 -4.96
N ILE A 356 -29.70 9.17 -4.85
CA ILE A 356 -30.55 9.37 -6.03
C ILE A 356 -30.20 10.69 -6.73
N LYS A 357 -30.05 11.76 -5.96
CA LYS A 357 -29.68 13.05 -6.56
C LYS A 357 -28.33 13.01 -7.30
N VAL A 358 -27.33 12.37 -6.72
CA VAL A 358 -26.06 12.22 -7.42
C VAL A 358 -26.25 11.45 -8.72
N LEU A 359 -26.97 10.33 -8.69
CA LEU A 359 -27.16 9.54 -9.91
C LEU A 359 -27.93 10.34 -10.96
N ASN A 360 -28.97 11.08 -10.53
CA ASN A 360 -29.73 11.94 -11.45
C ASN A 360 -28.81 12.98 -12.11
N ASP A 361 -27.93 13.58 -11.33
CA ASP A 361 -27.01 14.59 -11.84
C ASP A 361 -25.97 14.02 -12.81
N ILE A 362 -25.42 12.83 -12.51
CA ILE A 362 -24.55 12.18 -13.49
C ILE A 362 -25.31 11.92 -14.81
N GLY A 363 -26.54 11.46 -14.69
CA GLY A 363 -27.37 11.19 -15.86
C GLY A 363 -27.67 12.43 -16.69
N ASP A 364 -27.89 13.56 -16.03
N ASP A 364 -27.85 13.56 -16.02
CA ASP A 364 -28.10 14.82 -16.74
CA ASP A 364 -28.09 14.83 -16.70
C ASP A 364 -26.85 15.15 -17.54
C ASP A 364 -26.85 15.29 -17.46
N PHE A 365 -25.68 14.99 -16.92
CA PHE A 365 -24.42 15.24 -17.63
C PHE A 365 -24.24 14.34 -18.84
N LEU A 366 -24.43 13.04 -18.66
CA LEU A 366 -24.22 12.09 -19.75
C LEU A 366 -25.28 12.16 -20.87
N SER A 367 -26.52 12.50 -20.56
N SER A 367 -26.52 12.52 -20.53
N SER A 367 -26.51 12.51 -20.53
CA SER A 367 -27.50 12.61 -21.63
CA SER A 367 -27.57 12.71 -21.51
CA SER A 367 -27.56 12.68 -21.53
C SER A 367 -27.25 13.86 -22.46
C SER A 367 -27.20 13.83 -22.45
C SER A 367 -27.21 13.84 -22.45
N ARG A 368 -26.65 14.89 -21.87
CA ARG A 368 -26.27 16.08 -22.59
C ARG A 368 -24.94 15.97 -23.35
N TYR A 369 -23.94 15.38 -22.71
CA TYR A 369 -22.59 15.45 -23.21
C TYR A 369 -22.01 14.06 -23.51
N GLY A 370 -22.86 13.07 -23.58
CA GLY A 370 -22.46 11.68 -23.87
C GLY A 370 -21.58 11.50 -25.11
N GLU A 371 -21.71 12.39 -26.11
CA GLU A 371 -20.87 12.32 -27.31
C GLU A 371 -19.36 12.33 -26.97
N ALA A 372 -19.00 13.04 -25.90
CA ALA A 372 -17.61 13.16 -25.48
C ALA A 372 -17.13 11.98 -24.61
N VAL A 373 -18.05 11.09 -24.25
CA VAL A 373 -17.77 10.02 -23.30
C VAL A 373 -18.02 8.66 -23.96
N TYR A 374 -19.27 8.28 -24.16
CA TYR A 374 -19.56 6.98 -24.75
C TYR A 374 -18.91 6.86 -26.10
N ASP A 375 -18.43 5.65 -26.39
CA ASP A 375 -17.94 5.30 -27.72
C ASP A 375 -16.67 6.04 -28.12
N THR A 376 -16.05 6.77 -27.20
CA THR A 376 -14.78 7.46 -27.46
C THR A 376 -13.60 6.59 -27.00
N ARG A 377 -12.41 7.03 -27.34
CA ARG A 377 -11.19 6.43 -26.85
C ARG A 377 -10.26 7.52 -26.34
N ALA A 378 -9.32 7.14 -25.50
CA ALA A 378 -8.34 8.06 -24.98
C ALA A 378 -7.48 8.60 -26.10
N TRP A 379 -7.01 9.82 -25.91
CA TRP A 379 -6.00 10.43 -26.80
C TRP A 379 -4.64 9.86 -26.35
N ASP A 380 -3.51 10.48 -26.74
CA ASP A 380 -2.23 10.02 -26.19
C ASP A 380 -1.82 10.80 -24.96
N ILE A 381 -2.54 11.89 -24.68
CA ILE A 381 -2.32 12.70 -23.49
C ILE A 381 -3.69 12.84 -22.83
N TYR A 382 -3.80 12.56 -21.53
CA TYR A 382 -5.14 12.47 -20.93
C TYR A 382 -5.77 13.82 -20.61
N GLY A 383 -4.95 14.82 -20.34
CA GLY A 383 -5.46 16.09 -19.85
C GLY A 383 -4.37 17.08 -19.50
N GLU A 384 -4.81 18.21 -19.00
CA GLU A 384 -3.94 19.31 -18.55
C GLU A 384 -4.54 20.02 -17.35
N GLY A 385 -3.67 20.62 -16.54
CA GLY A 385 -4.14 21.48 -15.46
C GLY A 385 -3.60 21.07 -14.09
N PRO A 386 -3.90 21.87 -13.06
CA PRO A 386 -3.32 21.70 -11.74
C PRO A 386 -3.98 20.63 -10.89
N ASN A 387 -5.27 20.35 -11.11
CA ASN A 387 -6.00 19.41 -10.27
C ASN A 387 -5.87 17.99 -10.83
N GLN A 388 -5.18 17.13 -10.09
N GLN A 388 -5.14 17.15 -10.11
CA GLN A 388 -4.87 15.78 -10.53
CA GLN A 388 -4.75 15.80 -10.54
C GLN A 388 -5.13 14.72 -9.44
C GLN A 388 -4.83 14.82 -9.40
N VAL A 389 -4.99 13.47 -9.85
N VAL A 389 -5.20 13.58 -9.71
CA VAL A 389 -5.06 12.31 -8.96
CA VAL A 389 -5.15 12.52 -8.71
C VAL A 389 -3.64 11.91 -8.58
C VAL A 389 -3.71 12.05 -8.52
N GLU A 390 -3.40 11.65 -7.30
CA GLU A 390 -2.07 11.13 -6.91
C GLU A 390 -1.86 9.64 -7.13
N GLY A 391 -2.92 8.85 -7.09
CA GLY A 391 -2.76 7.41 -7.13
C GLY A 391 -2.45 6.90 -5.74
N GLY A 392 -2.17 5.61 -5.61
CA GLY A 392 -1.93 5.01 -4.32
C GLY A 392 -3.17 5.06 -3.45
N SER A 393 -3.02 5.62 -2.25
CA SER A 393 -4.12 5.65 -1.27
C SER A 393 -5.07 6.82 -1.51
N PHE A 394 -6.34 6.47 -1.73
CA PHE A 394 -7.41 7.43 -1.95
C PHE A 394 -7.66 8.30 -0.72
N THR A 395 -7.83 9.60 -0.93
CA THR A 395 -8.17 10.54 0.13
C THR A 395 -9.54 11.15 -0.12
N ALA A 396 -9.74 11.67 -1.33
CA ALA A 396 -10.99 12.28 -1.73
C ALA A 396 -11.03 12.27 -3.26
N PRO A 397 -12.22 12.29 -3.84
CA PRO A 397 -12.29 12.24 -5.31
C PRO A 397 -11.87 13.54 -5.98
N LEU A 398 -11.33 13.45 -7.19
CA LEU A 398 -11.01 14.63 -8.00
C LEU A 398 -12.16 15.59 -8.16
N GLN A 399 -11.86 16.84 -7.89
CA GLN A 399 -12.73 17.94 -8.25
C GLN A 399 -11.88 18.98 -8.92
N GLY A 400 -12.17 19.23 -10.19
CA GLY A 400 -11.47 20.23 -10.96
C GLY A 400 -12.25 21.53 -11.11
N ASN A 401 -11.67 22.41 -11.91
CA ASN A 401 -12.28 23.69 -12.21
C ASN A 401 -11.92 24.13 -13.63
N SER A 402 -12.17 25.39 -13.95
CA SER A 402 -11.91 25.88 -15.31
C SER A 402 -10.45 25.82 -15.74
N SER A 403 -9.53 25.57 -14.79
CA SER A 403 -8.11 25.41 -15.11
C SER A 403 -7.75 24.01 -15.66
N ASP A 404 -8.72 23.09 -15.64
CA ASP A 404 -8.46 21.68 -15.94
C ASP A 404 -9.20 21.24 -17.18
N ILE A 405 -8.52 20.51 -18.06
N ILE A 405 -8.49 20.45 -18.00
CA ILE A 405 -9.16 19.85 -19.18
CA ILE A 405 -8.97 19.87 -19.25
C ILE A 405 -8.80 18.38 -19.27
C ILE A 405 -8.79 18.34 -19.23
N ARG A 406 -9.76 17.61 -19.79
CA ARG A 406 -9.57 16.18 -20.06
C ARG A 406 -9.92 15.92 -21.52
N PHE A 407 -9.13 15.07 -22.17
CA PHE A 407 -9.29 14.80 -23.60
C PHE A 407 -9.94 13.44 -23.85
N THR A 408 -10.75 13.35 -24.90
CA THR A 408 -11.18 12.08 -25.45
C THR A 408 -11.23 12.28 -26.97
N ARG A 409 -11.27 11.21 -27.75
CA ARG A 409 -11.32 11.36 -29.21
C ARG A 409 -12.23 10.33 -29.83
N ASN A 410 -12.67 10.58 -31.06
CA ASN A 410 -13.56 9.62 -31.72
C ASN A 410 -12.78 8.44 -32.32
N LYS A 411 -13.52 7.40 -32.68
CA LYS A 411 -12.89 6.20 -33.29
C LYS A 411 -12.22 6.49 -34.63
N GLU A 412 -12.76 7.43 -35.39
CA GLU A 412 -12.14 7.80 -36.65
C GLU A 412 -10.85 8.62 -36.50
N ASP A 413 -10.58 9.09 -35.27
CA ASP A 413 -9.35 9.82 -34.94
C ASP A 413 -9.22 11.15 -35.65
N ASP A 414 -10.35 11.80 -35.92
CA ASP A 414 -10.38 13.14 -36.51
C ASP A 414 -11.17 14.16 -35.71
N VAL A 415 -11.68 13.77 -34.53
CA VAL A 415 -12.35 14.69 -33.63
C VAL A 415 -11.75 14.56 -32.23
N LEU A 416 -11.28 15.68 -31.68
CA LEU A 416 -10.80 15.73 -30.30
C LEU A 416 -11.81 16.48 -29.47
N TYR A 417 -12.26 15.85 -28.39
CA TYR A 417 -13.13 16.49 -27.40
C TYR A 417 -12.26 17.02 -26.27
N VAL A 418 -12.42 18.29 -25.98
CA VAL A 418 -11.71 18.98 -24.93
C VAL A 418 -12.72 19.38 -23.89
N THR A 419 -12.71 18.67 -22.77
CA THR A 419 -13.71 18.88 -21.75
C THR A 419 -13.10 19.67 -20.60
N VAL A 420 -13.67 20.83 -20.33
N VAL A 420 -13.68 20.83 -20.33
CA VAL A 420 -13.15 21.76 -19.32
CA VAL A 420 -13.20 21.75 -19.30
C VAL A 420 -14.02 21.64 -18.06
C VAL A 420 -14.04 21.57 -18.05
N LEU A 421 -13.38 21.56 -16.89
CA LEU A 421 -14.06 21.17 -15.66
C LEU A 421 -14.66 22.32 -14.86
N GLY A 422 -14.90 23.45 -15.56
CA GLY A 422 -15.57 24.61 -15.00
C GLY A 422 -15.70 25.63 -16.11
N TRP A 423 -16.60 26.60 -15.91
CA TRP A 423 -16.73 27.69 -16.88
C TRP A 423 -15.67 28.76 -16.64
N PRO A 424 -14.81 29.02 -17.63
CA PRO A 424 -13.75 30.02 -17.45
C PRO A 424 -14.31 31.45 -17.33
N GLU A 425 -14.00 32.15 -16.25
CA GLU A 425 -14.57 33.48 -16.11
C GLU A 425 -13.91 34.44 -17.10
N ASP A 426 -12.70 34.11 -17.55
CA ASP A 426 -12.02 34.90 -18.59
C ASP A 426 -12.43 34.50 -20.03
N ASN A 427 -13.43 33.62 -20.14
CA ASN A 427 -13.92 33.14 -21.41
C ASN A 427 -12.86 32.53 -22.32
N LEU A 428 -11.82 31.98 -21.72
CA LEU A 428 -10.69 31.44 -22.46
C LEU A 428 -10.41 30.00 -22.02
N VAL A 429 -10.26 29.11 -22.99
CA VAL A 429 -9.71 27.78 -22.77
C VAL A 429 -8.39 27.70 -23.54
N SER A 430 -7.27 27.46 -22.84
CA SER A 430 -5.96 27.36 -23.47
C SER A 430 -5.49 25.91 -23.43
N VAL A 431 -5.35 25.31 -24.60
CA VAL A 431 -4.94 23.90 -24.73
C VAL A 431 -3.45 23.86 -25.02
N LYS A 432 -2.65 23.60 -23.98
CA LYS A 432 -1.20 23.63 -24.14
C LYS A 432 -0.69 22.66 -25.20
N ASN A 433 -1.30 21.48 -25.26
CA ASN A 433 -0.81 20.46 -26.17
C ASN A 433 -1.19 20.66 -27.63
N LEU A 434 -1.83 21.79 -27.93
CA LEU A 434 -2.08 22.17 -29.32
C LEU A 434 -1.45 23.53 -29.64
N GLY A 435 -0.56 24.00 -28.76
CA GLY A 435 0.20 25.24 -29.01
C GLY A 435 1.37 25.00 -29.96
N SER A 436 2.11 26.05 -30.30
N SER A 436 2.11 26.06 -30.28
CA SER A 436 3.20 25.86 -31.25
CA SER A 436 3.21 25.93 -31.21
C SER A 436 4.44 25.25 -30.58
C SER A 436 4.39 25.19 -30.57
N ASN A 437 4.55 25.33 -29.26
CA ASN A 437 5.62 24.62 -28.56
C ASN A 437 5.41 23.12 -28.71
N ALA A 438 4.15 22.72 -28.85
CA ALA A 438 3.81 21.31 -29.04
C ALA A 438 4.10 20.85 -30.46
N LEU A 439 4.64 21.73 -31.30
CA LEU A 439 5.01 21.40 -32.68
C LEU A 439 3.79 20.92 -33.45
N VAL A 440 2.64 21.52 -33.15
CA VAL A 440 1.39 21.14 -33.78
C VAL A 440 1.01 22.12 -34.90
N ASP A 441 0.72 21.58 -36.08
CA ASP A 441 0.26 22.39 -37.22
C ASP A 441 -1.26 22.34 -37.24
N LEU A 442 -1.89 23.50 -37.09
CA LEU A 442 -3.34 23.58 -37.04
C LEU A 442 -4.01 23.92 -38.39
N GLU A 443 -3.27 23.77 -39.48
CA GLU A 443 -3.83 24.02 -40.81
C GLU A 443 -5.07 23.16 -41.02
N SER A 444 -5.07 21.97 -40.44
CA SER A 444 -6.16 21.03 -40.65
C SER A 444 -7.32 21.18 -39.66
N LEU A 445 -7.22 22.13 -38.75
CA LEU A 445 -8.34 22.40 -37.85
C LEU A 445 -9.52 23.10 -38.52
N LYS A 446 -10.59 22.35 -38.77
CA LYS A 446 -11.72 22.79 -39.56
C LYS A 446 -12.81 23.52 -38.81
N SER A 447 -13.10 23.07 -37.59
CA SER A 447 -14.15 23.67 -36.81
C SER A 447 -13.87 23.44 -35.34
N VAL A 448 -14.30 24.40 -34.53
CA VAL A 448 -14.25 24.34 -33.08
C VAL A 448 -15.66 24.70 -32.62
N GLU A 449 -16.31 23.84 -31.86
CA GLU A 449 -17.70 24.00 -31.48
C GLU A 449 -17.87 23.69 -30.00
N LEU A 450 -18.72 24.45 -29.34
CA LEU A 450 -19.15 24.16 -27.97
C LEU A 450 -20.43 23.36 -27.96
N LEU A 451 -20.45 22.22 -27.26
CA LEU A 451 -21.65 21.43 -27.15
C LEU A 451 -22.68 22.21 -26.34
N GLY A 452 -23.91 22.23 -26.84
CA GLY A 452 -24.95 23.08 -26.29
C GLY A 452 -25.87 22.44 -25.27
N ASP A 453 -27.10 22.95 -25.16
CA ASP A 453 -27.97 22.62 -24.06
C ASP A 453 -28.52 21.23 -24.13
N LYS A 454 -28.70 20.72 -25.34
CA LYS A 454 -29.16 19.35 -25.53
C LYS A 454 -28.26 18.67 -26.57
N ALA A 455 -28.09 17.36 -26.41
CA ALA A 455 -27.28 16.58 -27.35
C ALA A 455 -27.68 16.85 -28.79
N GLY A 456 -26.68 17.16 -29.61
CA GLY A 456 -26.87 17.48 -31.01
C GLY A 456 -26.84 18.97 -31.30
N ASP A 457 -26.83 19.80 -30.25
CA ASP A 457 -26.68 21.25 -30.40
C ASP A 457 -25.22 21.60 -30.35
N TYR A 458 -24.78 22.42 -31.29
CA TYR A 458 -23.42 22.93 -31.35
C TYR A 458 -23.43 24.41 -31.58
N VAL A 459 -22.67 25.12 -30.77
CA VAL A 459 -22.54 26.57 -30.88
C VAL A 459 -21.11 26.83 -31.36
N LYS A 460 -20.98 27.39 -32.56
CA LYS A 460 -19.66 27.65 -33.12
C LYS A 460 -18.83 28.59 -32.25
N VAL A 461 -17.55 28.25 -32.14
CA VAL A 461 -16.51 29.08 -31.56
C VAL A 461 -15.80 29.78 -32.74
N SER A 462 -15.81 31.10 -32.74
CA SER A 462 -15.27 31.85 -33.87
C SER A 462 -13.82 32.26 -33.69
N GLU A 463 -13.42 32.64 -32.48
CA GLU A 463 -12.10 33.19 -32.26
C GLU A 463 -11.18 32.21 -31.57
N TRP A 464 -10.04 31.93 -32.19
N TRP A 464 -10.04 31.95 -32.19
CA TRP A 464 -8.95 31.17 -31.58
CA TRP A 464 -8.93 31.27 -31.53
C TRP A 464 -7.61 31.50 -32.24
C TRP A 464 -7.62 31.70 -32.19
N GLU A 465 -6.54 31.53 -31.44
CA GLU A 465 -5.20 31.83 -31.92
C GLU A 465 -4.29 30.81 -31.29
N GLN A 466 -3.20 30.48 -31.97
CA GLN A 466 -2.19 29.54 -31.47
C GLN A 466 -0.95 30.30 -31.03
N SER A 467 -0.74 30.39 -29.72
CA SER A 467 0.49 30.93 -29.17
C SER A 467 1.51 29.81 -28.99
N LYS A 468 2.73 30.16 -28.60
CA LYS A 468 3.72 29.17 -28.20
C LYS A 468 3.17 28.26 -27.14
N ASP A 469 2.51 28.84 -26.16
N ASP A 469 2.50 28.85 -26.15
CA ASP A 469 2.07 28.11 -24.98
CA ASP A 469 2.05 28.11 -24.98
C ASP A 469 0.85 27.23 -25.25
C ASP A 469 0.87 27.20 -25.28
N ALA A 470 -0.03 27.64 -26.15
CA ALA A 470 -1.33 26.97 -26.30
C ALA A 470 -2.17 27.36 -27.48
N LEU A 471 -3.10 26.50 -27.85
CA LEU A 471 -4.25 26.92 -28.62
C LEU A 471 -5.21 27.66 -27.69
N ASP A 472 -5.35 28.96 -27.91
CA ASP A 472 -6.15 29.82 -27.06
C ASP A 472 -7.52 30.06 -27.67
N ILE A 473 -8.54 29.46 -27.07
CA ILE A 473 -9.90 29.44 -27.60
C ILE A 473 -10.79 30.40 -26.81
N THR A 474 -11.44 31.33 -27.51
CA THR A 474 -12.40 32.24 -26.90
C THR A 474 -13.80 31.67 -26.97
N LEU A 475 -14.44 31.49 -25.82
CA LEU A 475 -15.72 30.81 -25.77
C LEU A 475 -16.87 31.71 -26.23
N PRO A 476 -17.90 31.10 -26.82
CA PRO A 476 -19.16 31.82 -27.09
C PRO A 476 -19.94 31.98 -25.80
N SER A 477 -21.17 32.46 -25.91
CA SER A 477 -22.03 32.66 -24.75
C SER A 477 -22.25 31.34 -24.01
N GLN A 478 -22.14 31.42 -22.70
CA GLN A 478 -22.26 30.23 -21.85
C GLN A 478 -23.62 29.57 -22.09
N PRO A 479 -23.63 28.25 -22.33
CA PRO A 479 -24.88 27.51 -22.44
C PRO A 479 -25.48 27.27 -21.07
N ALA A 480 -26.56 26.51 -21.01
CA ALA A 480 -27.14 26.12 -19.73
C ALA A 480 -26.05 25.55 -18.80
N GLU A 481 -26.15 25.83 -17.51
CA GLU A 481 -25.12 25.47 -16.55
C GLU A 481 -24.93 23.96 -16.57
N SER A 482 -23.68 23.55 -16.39
CA SER A 482 -23.35 22.13 -16.27
C SER A 482 -22.07 21.94 -15.45
N LEU A 483 -21.83 20.69 -15.09
CA LEU A 483 -20.70 20.34 -14.20
C LEU A 483 -19.35 20.37 -14.92
N ALA A 484 -19.40 20.27 -16.25
CA ALA A 484 -18.26 20.46 -17.11
C ALA A 484 -18.80 20.90 -18.48
N TYR A 485 -17.91 21.40 -19.32
CA TYR A 485 -18.28 21.93 -20.65
C TYR A 485 -17.39 21.29 -21.69
N VAL A 486 -17.94 21.07 -22.88
CA VAL A 486 -17.23 20.32 -23.90
C VAL A 486 -17.02 21.09 -25.19
N LEU A 487 -15.78 21.19 -25.60
CA LEU A 487 -15.41 21.68 -26.93
C LEU A 487 -15.15 20.50 -27.87
N LYS A 488 -15.57 20.65 -29.12
CA LYS A 488 -15.40 19.61 -30.14
C LYS A 488 -14.56 20.19 -31.25
N LEU A 489 -13.40 19.61 -31.50
CA LEU A 489 -12.44 20.10 -32.50
C LEU A 489 -12.36 19.08 -33.62
N THR A 490 -12.76 19.48 -34.83
CA THR A 490 -12.75 18.59 -35.98
C THR A 490 -11.59 18.93 -36.89
N PHE A 491 -10.85 17.91 -37.27
CA PHE A 491 -9.67 18.06 -38.09
C PHE A 491 -9.90 17.36 -39.43
N ASP A 492 -9.34 17.89 -40.51
N ASP A 492 -9.25 17.88 -40.46
CA ASP A 492 -9.31 17.11 -41.75
CA ASP A 492 -9.18 17.24 -41.76
C ASP A 492 -8.16 16.16 -41.68
C ASP A 492 -8.10 16.16 -41.71
N GLY A 493 -8.45 14.91 -41.97
CA GLY A 493 -7.44 13.86 -42.05
C GLY A 493 -6.65 13.46 -40.81
N GLY A 494 -7.16 13.74 -39.62
CA GLY A 494 -6.61 13.17 -38.41
C GLY A 494 -6.09 14.20 -37.42
N ILE A 495 -6.21 13.89 -36.13
CA ILE A 495 -5.72 14.79 -35.11
C ILE A 495 -4.18 14.84 -35.15
N PRO A 496 -3.60 16.05 -35.06
CA PRO A 496 -2.14 16.17 -35.03
C PRO A 496 -1.51 15.48 -33.81
N VAL A 497 -0.26 15.02 -33.97
CA VAL A 497 0.47 14.36 -32.89
C VAL A 497 1.27 15.39 -32.11
N PRO A 498 0.86 15.67 -30.87
CA PRO A 498 1.59 16.68 -30.12
C PRO A 498 2.97 16.23 -29.65
N GLN A 499 3.87 17.19 -29.49
CA GLN A 499 5.14 16.96 -28.86
C GLN A 499 5.06 17.35 -27.38
N PRO A 500 5.15 16.38 -26.46
CA PRO A 500 5.10 16.74 -25.04
C PRO A 500 6.26 17.66 -24.64
N GLU A 501 6.05 18.50 -23.62
CA GLU A 501 7.12 19.38 -23.14
C GLU A 501 8.32 18.57 -22.73
N ARG A 502 8.09 17.50 -21.96
CA ARG A 502 9.12 16.53 -21.68
C ARG A 502 8.57 15.17 -22.05
N GLY A 503 9.16 14.53 -23.03
CA GLY A 503 8.62 13.30 -23.57
C GLY A 503 9.12 13.08 -24.98
N ALA A 504 8.36 12.32 -25.75
CA ALA A 504 8.77 11.98 -27.10
C ALA A 504 7.54 11.74 -27.94
N ALA A 505 7.73 11.61 -29.25
CA ALA A 505 6.66 11.18 -30.16
C ALA A 505 7.27 10.23 -31.19
N VAL A 506 6.58 9.12 -31.45
CA VAL A 506 7.06 8.15 -32.43
C VAL A 506 6.16 8.17 -33.65
N PHE A 507 6.74 7.92 -34.83
CA PHE A 507 6.06 8.06 -36.12
C PHE A 507 6.31 6.87 -37.04
N SER A 508 5.36 6.65 -37.95
CA SER A 508 5.41 5.52 -38.87
C SER A 508 6.21 5.82 -40.15
N LYS A 509 6.51 7.09 -40.38
CA LYS A 509 7.41 7.47 -41.48
C LYS A 509 8.71 8.02 -40.97
N ALA A 510 9.72 8.00 -41.83
CA ALA A 510 11.10 8.26 -41.42
C ALA A 510 11.40 9.72 -41.07
N ASP A 511 10.48 10.62 -41.39
CA ASP A 511 10.72 12.05 -41.22
C ASP A 511 9.82 12.73 -40.19
N ALA A 512 9.47 12.01 -39.13
CA ALA A 512 8.58 12.53 -38.11
C ALA A 512 7.23 12.99 -38.70
N THR A 513 6.73 12.20 -39.65
CA THR A 513 5.37 12.35 -40.16
C THR A 513 4.70 10.98 -40.23
N GLY A 514 3.46 10.96 -40.68
CA GLY A 514 2.67 9.74 -40.72
C GLY A 514 1.89 9.56 -39.44
N LYS A 515 1.46 8.32 -39.21
CA LYS A 515 0.79 7.95 -37.96
C LYS A 515 1.77 8.17 -36.82
N GLY A 516 1.29 8.66 -35.67
CA GLY A 516 2.17 8.85 -34.55
C GLY A 516 1.51 8.70 -33.21
N VAL A 517 2.36 8.57 -32.19
CA VAL A 517 1.93 8.42 -30.81
C VAL A 517 2.82 9.33 -29.97
N ALA A 518 2.20 10.21 -29.18
CA ALA A 518 2.92 11.01 -28.18
C ALA A 518 3.12 10.19 -26.89
N LEU A 519 4.30 10.36 -26.29
CA LEU A 519 4.68 9.63 -25.07
C LEU A 519 5.14 10.58 -23.97
N ALA A 520 4.58 10.41 -22.76
CA ALA A 520 5.09 11.12 -21.60
C ALA A 520 6.37 10.45 -21.10
N LEU A 521 6.93 10.93 -19.98
CA LEU A 521 7.97 10.19 -19.30
C LEU A 521 7.35 8.89 -18.79
N GLY A 522 8.06 7.78 -18.95
CA GLY A 522 7.57 6.50 -18.50
C GLY A 522 8.10 5.34 -19.31
N THR A 523 7.45 4.20 -19.18
CA THR A 523 7.83 2.97 -19.86
C THR A 523 6.67 2.47 -20.72
N PHE A 524 6.97 2.13 -21.97
CA PHE A 524 5.96 1.84 -22.97
C PHE A 524 6.32 0.56 -23.70
N ASP A 525 5.59 -0.52 -23.40
CA ASP A 525 5.89 -1.84 -23.96
C ASP A 525 5.17 -2.05 -25.29
N THR A 526 5.37 -3.22 -25.90
CA THR A 526 4.75 -3.50 -27.19
C THR A 526 3.23 -3.41 -27.11
N VAL A 527 2.65 -3.89 -26.01
CA VAL A 527 1.20 -3.81 -25.86
C VAL A 527 0.74 -2.35 -25.82
N PHE A 528 1.45 -1.51 -25.07
CA PHE A 528 1.09 -0.10 -24.99
C PHE A 528 1.11 0.52 -26.36
N LEU A 529 2.21 0.37 -27.08
CA LEU A 529 2.40 1.10 -28.33
C LEU A 529 1.39 0.60 -29.36
N THR A 530 1.16 -0.71 -29.40
CA THR A 530 0.20 -1.29 -30.30
C THR A 530 -1.19 -0.73 -30.02
N GLU A 531 -1.61 -0.73 -28.75
CA GLU A 531 -2.96 -0.24 -28.44
C GLU A 531 -3.11 1.25 -28.74
N ALA A 532 -2.02 2.00 -28.60
CA ALA A 532 -2.01 3.45 -28.84
C ALA A 532 -2.08 3.75 -30.33
N GLY A 533 -1.88 2.73 -31.16
CA GLY A 533 -2.11 2.85 -32.60
C GLY A 533 -0.87 2.73 -33.46
N LEU A 534 0.26 2.32 -32.90
CA LEU A 534 1.48 2.13 -33.69
C LEU A 534 2.29 0.96 -33.15
N LYS A 535 2.14 -0.17 -33.82
CA LYS A 535 2.93 -1.34 -33.53
C LYS A 535 4.40 -0.92 -33.59
N PRO A 536 5.18 -1.36 -32.61
CA PRO A 536 6.53 -0.80 -32.52
C PRO A 536 7.43 -1.19 -33.71
N GLU A 537 7.15 -2.34 -34.31
CA GLU A 537 7.85 -2.75 -35.54
C GLU A 537 7.67 -1.74 -36.68
N GLU A 538 6.62 -0.92 -36.61
CA GLU A 538 6.32 0.06 -37.67
C GLU A 538 6.87 1.46 -37.39
N ILE A 539 7.53 1.64 -36.25
CA ILE A 539 8.15 2.92 -35.95
C ILE A 539 9.36 3.15 -36.85
N ARG A 540 9.40 4.31 -37.50
CA ARG A 540 10.51 4.67 -38.39
C ARG A 540 11.20 5.97 -38.03
N SER A 541 10.64 6.71 -37.06
CA SER A 541 11.32 7.89 -36.55
C SER A 541 10.75 8.24 -35.16
N ILE A 542 11.54 9.02 -34.43
CA ILE A 542 11.14 9.50 -33.11
C ILE A 542 11.65 10.91 -32.92
N ARG A 543 10.81 11.77 -32.35
CA ARG A 543 11.22 13.09 -31.92
C ARG A 543 11.26 13.12 -30.39
N VAL A 544 12.45 13.38 -29.86
CA VAL A 544 12.68 13.41 -28.41
C VAL A 544 12.72 14.88 -27.98
N SER A 545 11.96 15.24 -26.96
CA SER A 545 11.93 16.63 -26.52
C SER A 545 13.24 17.04 -25.85
N ASP A 546 13.47 18.35 -25.83
CA ASP A 546 14.56 18.92 -25.05
C ASP A 546 14.39 18.47 -23.61
N GLY A 547 15.51 18.30 -22.91
CA GLY A 547 15.49 17.89 -21.51
C GLY A 547 15.10 16.42 -21.30
N THR A 548 15.04 15.66 -22.37
CA THR A 548 14.57 14.27 -22.34
C THR A 548 15.52 13.36 -23.10
N LYS A 549 15.54 12.08 -22.73
CA LYS A 549 16.15 11.05 -23.54
C LYS A 549 15.18 9.90 -23.71
N ALA A 550 15.34 9.13 -24.79
CA ALA A 550 14.54 7.93 -25.01
C ALA A 550 15.48 6.76 -25.20
N THR A 551 15.16 5.64 -24.56
CA THR A 551 15.92 4.42 -24.72
C THR A 551 15.04 3.41 -25.42
N LEU A 552 15.49 2.96 -26.59
CA LEU A 552 14.76 2.00 -27.40
C LEU A 552 15.27 0.62 -27.08
N PHE A 553 14.36 -0.33 -26.90
CA PHE A 553 14.71 -1.72 -26.67
C PHE A 553 14.18 -2.61 -27.78
N SER A 554 14.93 -3.64 -28.15
CA SER A 554 14.44 -4.56 -29.18
C SER A 554 13.31 -5.47 -28.69
N GLY A 555 13.32 -5.79 -27.41
CA GLY A 555 12.38 -6.72 -26.84
C GLY A 555 11.01 -6.12 -26.58
N PHE A 556 10.07 -7.01 -26.32
CA PHE A 556 8.64 -6.73 -26.07
C PHE A 556 8.47 -5.85 -24.81
N ARG A 557 9.34 -6.04 -23.84
CA ARG A 557 9.16 -5.42 -22.52
C ARG A 557 10.52 -5.13 -21.86
N PHE A 558 11.28 -4.23 -22.47
CA PHE A 558 12.51 -3.67 -21.89
C PHE A 558 13.64 -4.69 -21.69
N THR A 559 13.78 -5.57 -22.67
CA THR A 559 14.89 -6.52 -22.76
C THR A 559 15.56 -6.38 -24.14
N GLY A 560 16.67 -7.08 -24.32
CA GLY A 560 17.34 -7.12 -25.61
C GLY A 560 18.28 -5.96 -25.81
N GLU A 561 18.65 -5.70 -27.06
CA GLU A 561 19.55 -4.59 -27.37
C GLU A 561 18.86 -3.26 -27.14
N SER A 562 19.63 -2.29 -26.64
CA SER A 562 19.09 -0.97 -26.36
C SER A 562 19.94 0.14 -26.95
N LYS A 563 19.28 1.27 -27.24
CA LYS A 563 19.92 2.42 -27.86
C LYS A 563 19.35 3.68 -27.22
N GLU A 564 20.22 4.59 -26.78
CA GLU A 564 19.80 5.82 -26.13
C GLU A 564 19.83 6.97 -27.13
N LEU A 565 18.76 7.76 -27.16
CA LEU A 565 18.65 8.90 -28.07
C LEU A 565 18.36 10.18 -27.29
N SER A 566 19.12 11.22 -27.58
CA SER A 566 18.94 12.50 -26.94
C SER A 566 17.95 13.38 -27.73
N ALA A 567 17.78 14.60 -27.27
CA ALA A 567 16.80 15.53 -27.85
C ALA A 567 17.03 15.74 -29.35
N GLY A 568 15.93 15.70 -30.10
CA GLY A 568 15.96 15.92 -31.55
C GLY A 568 15.16 14.87 -32.28
N GLU A 569 15.22 14.93 -33.61
CA GLU A 569 14.60 13.94 -34.47
C GLU A 569 15.61 12.88 -34.90
N HIS A 570 15.15 11.62 -34.92
CA HIS A 570 16.00 10.46 -35.24
C HIS A 570 15.28 9.46 -36.11
N GLU A 571 15.95 8.92 -37.13
CA GLU A 571 15.39 7.80 -37.86
C GLU A 571 15.56 6.50 -37.09
N VAL A 572 14.63 5.57 -37.30
CA VAL A 572 14.60 4.29 -36.61
C VAL A 572 14.43 3.20 -37.67
N GLU A 573 15.24 2.15 -37.60
CA GLU A 573 15.11 1.05 -38.55
C GLU A 573 13.82 0.26 -38.33
N ASP A 574 13.12 -0.05 -39.43
CA ASP A 574 11.92 -0.88 -39.39
C ASP A 574 12.19 -2.18 -38.64
N GLY A 575 11.27 -2.57 -37.76
CA GLY A 575 11.39 -3.81 -37.02
C GLY A 575 12.43 -3.85 -35.90
N SER A 576 13.03 -2.70 -35.57
CA SER A 576 14.10 -2.66 -34.57
C SER A 576 13.63 -2.35 -33.14
N VAL A 577 12.43 -1.80 -32.98
CA VAL A 577 11.95 -1.41 -31.65
C VAL A 577 10.84 -2.32 -31.18
N GLY A 578 10.92 -2.74 -29.92
CA GLY A 578 9.81 -3.44 -29.28
C GLY A 578 9.21 -2.67 -28.10
N SER A 579 10.00 -1.81 -27.48
CA SER A 579 9.58 -1.09 -26.29
C SER A 579 10.47 0.13 -26.07
N ILE A 580 9.97 1.11 -25.32
CA ILE A 580 10.66 2.40 -25.17
C ILE A 580 10.56 2.93 -23.74
N VAL A 581 11.65 3.48 -23.21
CA VAL A 581 11.65 4.16 -21.92
C VAL A 581 12.00 5.62 -22.16
N VAL A 582 11.13 6.52 -21.74
CA VAL A 582 11.33 7.94 -21.95
C VAL A 582 11.65 8.54 -20.57
N SER A 583 12.79 9.23 -20.49
N SER A 583 12.75 9.28 -20.48
CA SER A 583 13.32 9.70 -19.19
CA SER A 583 13.24 9.73 -19.16
C SER A 583 13.70 11.17 -19.27
C SER A 583 13.89 11.10 -19.20
N LYS A 584 13.69 11.84 -18.12
CA LYS A 584 14.23 13.17 -18.00
C LYS A 584 15.73 13.03 -17.89
N ILE A 585 16.44 13.87 -18.62
CA ILE A 585 17.81 14.12 -18.25
C ILE A 585 17.61 15.13 -17.13
N ALA B 3 36.76 4.42 -1.87
CA ALA B 3 37.43 4.06 -0.63
C ALA B 3 38.18 2.74 -0.84
N ASP B 4 39.41 2.65 -0.36
CA ASP B 4 40.18 1.41 -0.49
C ASP B 4 39.50 0.28 0.28
N GLY B 5 39.49 -0.92 -0.31
CA GLY B 5 38.95 -2.07 0.38
C GLY B 5 38.48 -3.15 -0.57
N PRO B 6 37.92 -4.21 -0.02
CA PRO B 6 37.57 -5.41 -0.81
C PRO B 6 36.21 -5.31 -1.50
N TYR B 7 35.50 -4.20 -1.37
CA TYR B 7 34.23 -4.09 -2.04
C TYR B 7 34.31 -3.29 -3.32
N GLU B 8 33.69 -3.86 -4.35
N GLU B 8 33.76 -3.84 -4.38
CA GLU B 8 33.49 -3.18 -5.62
CA GLU B 8 33.52 -3.03 -5.57
C GLU B 8 32.00 -2.89 -5.78
C GLU B 8 32.02 -2.83 -5.74
N ALA B 9 31.68 -1.96 -6.68
CA ALA B 9 30.32 -1.52 -6.89
C ALA B 9 29.54 -2.50 -7.76
N THR B 10 29.36 -3.70 -7.23
CA THR B 10 28.52 -4.75 -7.83
C THR B 10 27.69 -5.42 -6.76
N TRP B 11 26.58 -6.04 -7.14
CA TRP B 11 25.79 -6.78 -6.16
C TRP B 11 26.58 -7.95 -5.59
N GLU B 12 27.30 -8.66 -6.44
N GLU B 12 27.26 -8.69 -6.45
CA GLU B 12 27.98 -9.87 -6.02
CA GLU B 12 28.03 -9.86 -6.08
C GLU B 12 29.06 -9.52 -4.99
C GLU B 12 29.06 -9.53 -5.01
N SER B 13 29.76 -8.41 -5.20
CA SER B 13 30.80 -8.00 -4.25
C SER B 13 30.21 -7.50 -2.91
N THR B 14 29.17 -6.68 -2.97
CA THR B 14 28.58 -6.12 -1.76
C THR B 14 27.75 -7.13 -0.98
N ASP B 15 27.31 -8.20 -1.63
CA ASP B 15 26.53 -9.25 -0.96
C ASP B 15 27.28 -9.85 0.24
N LYS B 16 28.60 -9.86 0.18
N LYS B 16 28.60 -9.89 0.17
CA LYS B 16 29.42 -10.52 1.20
CA LYS B 16 29.40 -10.52 1.22
C LYS B 16 29.57 -9.67 2.48
C LYS B 16 29.35 -9.77 2.54
N HIS B 17 28.97 -8.50 2.50
CA HIS B 17 28.91 -7.73 3.75
C HIS B 17 27.88 -8.37 4.69
N ASN B 18 28.22 -8.47 5.98
CA ASN B 18 27.31 -9.05 6.99
C ASN B 18 26.24 -8.02 7.35
N ALA B 19 25.01 -8.27 6.92
CA ALA B 19 23.93 -7.28 6.99
C ALA B 19 23.65 -6.81 8.42
N ALA B 20 23.55 -7.76 9.36
CA ALA B 20 23.09 -7.50 10.71
C ALA B 20 24.09 -8.13 11.67
N PRO B 21 25.11 -7.39 12.07
CA PRO B 21 26.15 -7.92 12.95
C PRO B 21 25.61 -8.17 14.36
N GLU B 22 26.36 -8.94 15.16
CA GLU B 22 25.88 -9.32 16.48
C GLU B 22 25.52 -8.15 17.39
N TRP B 23 26.31 -7.08 17.37
CA TRP B 23 26.02 -5.96 18.26
C TRP B 23 24.64 -5.34 17.93
N TYR B 24 24.27 -5.34 16.66
CA TYR B 24 22.99 -4.80 16.22
C TYR B 24 21.84 -5.71 16.60
N ARG B 25 22.03 -7.03 16.45
CA ARG B 25 21.00 -7.97 16.90
C ARG B 25 20.84 -7.93 18.43
N ASP B 26 21.94 -7.67 19.15
CA ASP B 26 21.89 -7.56 20.60
C ASP B 26 21.17 -6.30 21.08
N ALA B 27 21.19 -5.24 20.27
CA ALA B 27 20.84 -3.89 20.72
C ALA B 27 19.35 -3.68 20.98
N LYS B 28 18.50 -4.19 20.08
CA LYS B 28 17.04 -4.23 20.19
C LYS B 28 16.28 -2.91 20.04
N PHE B 29 16.77 -1.85 20.69
CA PHE B 29 16.05 -0.59 20.82
C PHE B 29 16.98 0.59 20.54
N GLY B 30 16.53 1.46 19.64
CA GLY B 30 17.24 2.72 19.35
C GLY B 30 16.27 3.87 19.22
N VAL B 31 16.81 5.08 19.17
CA VAL B 31 15.98 6.28 19.08
C VAL B 31 16.58 7.22 18.04
N TYR B 32 15.73 7.81 17.22
CA TYR B 32 16.14 8.88 16.32
C TYR B 32 15.11 10.00 16.32
N TRP B 33 15.39 11.07 15.60
CA TRP B 33 14.54 12.28 15.70
C TRP B 33 14.42 12.98 14.35
N HIS B 34 13.16 13.18 13.95
CA HIS B 34 12.83 14.00 12.80
C HIS B 34 12.74 15.46 13.26
N TRP B 35 13.86 16.16 13.16
CA TRP B 35 13.95 17.56 13.59
C TRP B 35 14.79 18.30 12.58
N GLY B 36 14.24 19.36 11.99
CA GLY B 36 14.97 20.12 11.00
C GLY B 36 14.19 21.32 10.52
N ALA B 37 14.57 21.86 9.37
CA ALA B 37 13.87 23.02 8.85
C ALA B 37 12.42 22.69 8.51
N PHE B 38 12.13 21.42 8.27
CA PHE B 38 10.75 20.99 7.99
C PHE B 38 9.86 21.14 9.23
N THR B 39 10.47 21.27 10.40
CA THR B 39 9.77 21.43 11.67
C THR B 39 9.34 22.89 11.90
N THR B 40 10.01 23.81 11.22
CA THR B 40 9.82 25.24 11.54
C THR B 40 8.35 25.69 11.59
N ALA B 41 7.55 25.28 10.60
CA ALA B 41 6.13 25.68 10.56
C ALA B 41 5.31 25.00 11.64
N GLN B 42 5.79 23.88 12.18
CA GLN B 42 5.10 23.17 13.24
C GLN B 42 3.66 22.92 12.85
N TYR B 43 3.48 22.51 11.60
CA TYR B 43 2.13 22.34 11.05
C TYR B 43 2.06 21.10 10.16
N ALA B 44 0.99 20.33 10.36
CA ALA B 44 0.62 19.15 9.55
C ALA B 44 1.57 17.98 9.78
N SER B 45 2.77 18.05 9.21
CA SER B 45 3.76 16.99 9.35
C SER B 45 5.10 17.44 8.78
N GLU B 46 6.09 16.54 8.85
CA GLU B 46 7.37 16.74 8.20
C GLU B 46 7.28 16.84 6.68
N TRP B 47 6.12 16.51 6.09
CA TRP B 47 5.89 16.75 4.67
C TRP B 47 5.42 18.17 4.34
N TYR B 48 5.36 19.04 5.34
CA TYR B 48 4.95 20.43 5.07
C TYR B 48 5.70 21.06 3.90
N PRO B 49 7.04 20.88 3.78
CA PRO B 49 7.72 21.51 2.62
C PRO B 49 7.16 21.11 1.27
N ARG B 50 6.68 19.88 1.15
CA ARG B 50 6.01 19.42 -0.04
C ARG B 50 4.59 19.98 -0.16
N ASN B 51 3.79 19.80 0.88
CA ASN B 51 2.36 20.08 0.77
C ASN B 51 2.02 21.57 0.81
N MET B 52 2.91 22.41 1.31
CA MET B 52 2.66 23.85 1.28
C MET B 52 2.47 24.35 -0.16
N TYR B 53 2.98 23.63 -1.15
CA TYR B 53 2.87 24.01 -2.55
C TYR B 53 1.71 23.28 -3.24
N GLU B 54 1.13 22.27 -2.61
CA GLU B 54 0.14 21.42 -3.29
C GLU B 54 -1.12 22.26 -3.65
N PRO B 55 -1.66 22.10 -4.86
CA PRO B 55 -2.93 22.78 -5.19
C PRO B 55 -4.05 22.43 -4.23
N ASP B 56 -4.75 23.47 -3.77
CA ASP B 56 -5.93 23.35 -2.91
C ASP B 56 -5.75 22.64 -1.56
N SER B 57 -4.52 22.46 -1.07
CA SER B 57 -4.33 21.70 0.14
C SER B 57 -4.52 22.55 1.39
N ASP B 58 -4.80 21.87 2.48
CA ASP B 58 -4.88 22.58 3.75
C ASP B 58 -3.53 23.25 4.08
N GLN B 59 -2.43 22.58 3.78
CA GLN B 59 -1.12 23.16 4.06
C GLN B 59 -0.84 24.44 3.25
N ARG B 60 -1.22 24.46 1.96
CA ARG B 60 -1.12 25.67 1.16
C ARG B 60 -1.95 26.80 1.75
N LYS B 61 -3.14 26.47 2.20
N LYS B 61 -3.16 26.48 2.20
CA LYS B 61 -4.00 27.51 2.76
CA LYS B 61 -4.03 27.50 2.74
C LYS B 61 -3.39 28.08 4.02
C LYS B 61 -3.49 28.07 4.08
N HIS B 62 -2.91 27.20 4.90
CA HIS B 62 -2.27 27.63 6.11
C HIS B 62 -1.08 28.50 5.78
N HIS B 63 -0.28 28.04 4.82
CA HIS B 63 0.92 28.78 4.44
C HIS B 63 0.55 30.20 3.96
N THR B 64 -0.47 30.26 3.12
CA THR B 64 -0.90 31.52 2.51
C THR B 64 -1.42 32.49 3.56
N GLU B 65 -2.12 31.99 4.56
CA GLU B 65 -2.62 32.82 5.66
C GLU B 65 -1.53 33.31 6.60
N THR B 66 -0.51 32.50 6.79
CA THR B 66 0.49 32.71 7.82
C THR B 66 1.71 33.48 7.33
N TYR B 67 2.15 33.13 6.12
CA TYR B 67 3.38 33.61 5.54
C TYR B 67 3.17 34.41 4.26
N GLY B 68 2.42 33.83 3.32
CA GLY B 68 2.17 34.43 2.01
C GLY B 68 1.96 33.29 1.03
N PRO B 69 1.48 33.59 -0.19
CA PRO B 69 1.36 32.50 -1.15
C PRO B 69 2.71 31.81 -1.34
N PRO B 70 2.69 30.48 -1.44
N PRO B 70 2.70 30.48 -1.48
CA PRO B 70 3.96 29.74 -1.54
CA PRO B 70 4.00 29.79 -1.51
C PRO B 70 4.86 30.12 -2.72
C PRO B 70 4.87 30.13 -2.73
N GLU B 71 4.26 30.64 -3.79
CA GLU B 71 5.00 31.15 -4.95
C GLU B 71 5.82 32.39 -4.59
N GLU B 72 5.41 33.11 -3.55
CA GLU B 72 6.11 34.30 -3.08
C GLU B 72 7.00 34.07 -1.86
N TRP B 73 6.47 33.31 -0.90
CA TRP B 73 7.17 32.96 0.36
C TRP B 73 7.50 31.46 0.27
N GLY B 74 8.59 31.14 -0.43
CA GLY B 74 8.97 29.77 -0.73
C GLY B 74 9.51 29.02 0.48
N TYR B 75 9.60 27.71 0.34
CA TYR B 75 10.13 26.89 1.42
C TYR B 75 11.53 27.36 1.81
N GLU B 76 12.30 27.83 0.85
CA GLU B 76 13.64 28.34 1.14
C GLU B 76 13.70 29.46 2.20
N ASN B 77 12.59 30.17 2.36
CA ASN B 77 12.51 31.23 3.36
C ASN B 77 12.62 30.69 4.78
N PHE B 78 12.19 29.45 5.03
CA PHE B 78 12.39 28.87 6.37
C PHE B 78 13.88 28.67 6.70
N ILE B 79 14.70 28.47 5.68
CA ILE B 79 16.14 28.25 5.86
C ILE B 79 16.87 29.59 5.88
N LYS B 80 16.56 30.50 4.94
CA LYS B 80 17.29 31.77 4.80
C LYS B 80 16.78 32.81 5.78
N GLY B 81 15.57 32.60 6.29
CA GLY B 81 14.91 33.51 7.21
C GLY B 81 14.10 34.58 6.50
N ALA B 82 12.88 34.85 6.96
CA ALA B 82 12.06 35.92 6.41
C ALA B 82 10.94 36.25 7.38
N LYS B 83 10.35 37.44 7.25
CA LYS B 83 9.25 37.77 8.14
C LYS B 83 7.90 37.25 7.64
N ASP B 84 7.04 36.86 8.57
CA ASP B 84 5.72 36.34 8.22
C ASP B 84 4.69 37.46 8.06
N LYS B 85 3.42 37.13 7.86
CA LYS B 85 2.44 38.19 7.55
C LYS B 85 2.21 39.17 8.71
N LYS B 86 2.46 38.71 9.93
CA LYS B 86 2.33 39.55 11.12
C LYS B 86 3.64 40.19 11.54
N GLY B 87 4.66 40.07 10.68
CA GLY B 87 5.95 40.70 10.92
C GLY B 87 6.96 39.97 11.79
N ASN B 88 6.62 38.75 12.25
CA ASN B 88 7.57 37.95 13.02
C ASN B 88 8.65 37.36 12.11
N PHE B 89 9.89 37.41 12.57
CA PHE B 89 10.98 36.76 11.89
C PHE B 89 10.85 35.24 12.06
N VAL B 90 10.91 34.54 10.92
CA VAL B 90 10.74 33.09 10.87
C VAL B 90 11.98 32.47 10.26
N GLN B 91 12.59 31.53 11.00
CA GLN B 91 13.75 30.79 10.51
C GLN B 91 14.01 29.57 11.38
N PHE B 92 14.47 28.50 10.73
CA PHE B 92 15.07 27.41 11.47
C PHE B 92 16.40 27.87 12.03
N LYS B 93 16.42 28.15 13.33
CA LYS B 93 17.58 28.80 13.97
C LYS B 93 17.59 28.43 15.44
N PRO B 94 17.88 27.18 15.74
CA PRO B 94 17.90 26.76 17.13
C PRO B 94 19.05 27.48 17.83
N VAL B 95 18.73 27.99 19.03
CA VAL B 95 19.70 28.73 19.84
C VAL B 95 20.07 27.87 21.03
N LEU B 96 21.34 27.48 21.10
CA LEU B 96 21.84 26.64 22.17
C LEU B 96 21.61 27.26 23.55
N LYS B 97 21.35 26.40 24.53
CA LYS B 97 21.32 26.78 25.92
C LYS B 97 22.60 27.56 26.31
N SER B 98 23.73 27.15 25.76
CA SER B 98 25.00 27.81 26.09
C SER B 98 25.15 29.20 25.44
N LYS B 99 24.19 29.58 24.60
CA LYS B 99 24.09 30.93 24.08
C LYS B 99 22.90 31.69 24.64
N GLY B 100 22.24 31.14 25.64
CA GLY B 100 21.07 31.77 26.26
C GLY B 100 19.72 31.29 25.72
N GLY B 101 19.73 30.32 24.81
CA GLY B 101 18.52 29.79 24.21
C GLY B 101 17.97 28.57 24.91
N GLU B 102 17.03 27.88 24.24
CA GLU B 102 16.36 26.72 24.84
C GLU B 102 16.78 25.38 24.23
N PHE B 103 17.57 25.40 23.16
CA PHE B 103 18.00 24.15 22.54
C PHE B 103 19.10 23.49 23.38
N ASP B 104 18.78 22.35 23.97
CA ASP B 104 19.66 21.65 24.91
C ASP B 104 19.90 20.21 24.40
N PRO B 105 20.78 20.05 23.41
CA PRO B 105 20.98 18.72 22.83
C PRO B 105 21.55 17.73 23.85
N GLU B 106 22.38 18.19 24.79
CA GLU B 106 22.94 17.26 25.76
C GLU B 106 21.85 16.69 26.64
N ALA B 107 20.90 17.53 27.00
CA ALA B 107 19.77 17.06 27.84
C ALA B 107 18.96 16.00 27.08
N ILE B 108 18.72 16.23 25.79
CA ILE B 108 18.03 15.24 24.99
C ILE B 108 18.80 13.92 24.95
N ILE B 109 20.10 13.98 24.69
CA ILE B 109 20.88 12.75 24.64
C ILE B 109 20.92 12.00 25.98
N LYS B 110 20.94 12.72 27.10
CA LYS B 110 20.88 12.07 28.40
C LYS B 110 19.57 11.32 28.60
N ILE B 111 18.46 11.94 28.17
CA ILE B 111 17.15 11.29 28.26
C ILE B 111 17.09 10.06 27.34
N VAL B 112 17.65 10.19 26.14
CA VAL B 112 17.72 9.06 25.21
C VAL B 112 18.57 7.90 25.81
N LYS B 113 19.72 8.21 26.40
N LYS B 113 19.71 8.22 26.40
CA LYS B 113 20.51 7.17 27.04
CA LYS B 113 20.53 7.20 27.03
C LYS B 113 19.71 6.53 28.17
C LYS B 113 19.77 6.54 28.19
N GLY B 114 19.06 7.35 28.96
CA GLY B 114 18.25 6.86 30.06
C GLY B 114 17.09 5.97 29.66
N SER B 115 16.63 6.13 28.41
CA SER B 115 15.52 5.32 27.91
C SER B 115 15.93 3.87 27.62
N GLY B 116 17.22 3.59 27.62
CA GLY B 116 17.72 2.26 27.32
C GLY B 116 18.11 2.08 25.86
N ALA B 117 18.07 3.13 25.06
CA ALA B 117 18.52 3.04 23.66
C ALA B 117 19.98 2.62 23.58
N ARG B 118 20.29 1.70 22.68
N ARG B 118 20.28 1.70 22.66
CA ARG B 118 21.66 1.30 22.42
CA ARG B 118 21.61 1.24 22.41
C ARG B 118 22.20 1.79 21.09
C ARG B 118 22.21 1.89 21.15
N PHE B 119 21.35 2.46 20.32
CA PHE B 119 21.77 3.23 19.13
C PHE B 119 20.88 4.45 19.04
N ALA B 120 21.44 5.55 18.55
CA ALA B 120 20.71 6.81 18.52
C ALA B 120 21.31 7.76 17.50
N GLY B 121 20.53 8.76 17.07
CA GLY B 121 21.08 9.81 16.24
C GLY B 121 20.00 10.58 15.49
N PRO B 122 20.41 11.59 14.73
CA PRO B 122 19.50 12.47 13.99
C PRO B 122 19.09 11.93 12.64
N VAL B 123 17.94 12.43 12.17
CA VAL B 123 17.73 12.59 10.73
C VAL B 123 18.74 13.66 10.31
N ALA B 124 19.69 13.29 9.45
CA ALA B 124 20.68 14.24 8.95
C ALA B 124 20.22 15.00 7.72
N GLU B 125 19.38 14.38 6.92
CA GLU B 125 18.77 15.04 5.78
C GLU B 125 17.51 14.30 5.46
N HIS B 126 16.37 15.01 5.45
CA HIS B 126 15.09 14.40 5.15
C HIS B 126 14.85 14.55 3.64
N HIS B 127 13.61 14.76 3.18
CA HIS B 127 13.30 14.86 1.75
C HIS B 127 13.45 16.29 1.24
N ASP B 128 13.68 17.23 2.16
CA ASP B 128 13.54 18.67 1.88
C ASP B 128 14.82 19.38 1.41
N GLY B 129 15.88 18.64 1.10
CA GLY B 129 17.04 19.24 0.47
C GLY B 129 18.03 19.90 1.40
N PHE B 130 17.80 19.86 2.71
CA PHE B 130 18.62 20.57 3.70
C PHE B 130 19.52 19.58 4.45
N SER B 131 20.83 19.66 4.20
CA SER B 131 21.79 18.75 4.84
C SER B 131 22.20 19.37 6.16
N MET B 132 22.09 18.64 7.27
CA MET B 132 22.30 19.26 8.59
C MET B 132 23.71 19.10 9.18
N TRP B 133 24.67 18.75 8.33
CA TRP B 133 26.10 18.79 8.67
C TRP B 133 26.78 19.92 7.89
N ASP B 134 28.04 20.22 8.22
CA ASP B 134 28.81 21.24 7.49
C ASP B 134 29.17 20.64 6.14
N SER B 135 28.39 20.97 5.12
CA SER B 135 28.47 20.32 3.80
C SER B 135 29.11 21.22 2.76
N LYS B 136 30.11 20.72 2.05
CA LYS B 136 30.65 21.37 0.86
C LYS B 136 29.77 21.09 -0.37
N VAL B 137 29.23 19.87 -0.49
CA VAL B 137 28.46 19.54 -1.69
C VAL B 137 27.07 20.14 -1.71
N ASN B 138 26.58 20.55 -0.54
CA ASN B 138 25.28 21.18 -0.42
C ASN B 138 25.31 22.43 0.48
N GLU B 139 25.21 23.61 -0.15
CA GLU B 139 25.22 24.87 0.57
C GLU B 139 24.00 25.07 1.47
N TRP B 140 22.93 24.32 1.21
CA TRP B 140 21.73 24.39 2.03
C TRP B 140 21.96 23.57 3.31
N ASN B 141 22.55 24.24 4.30
CA ASN B 141 22.96 23.58 5.52
C ASN B 141 22.98 24.61 6.66
N PRO B 142 22.98 24.16 7.92
CA PRO B 142 22.83 25.02 9.09
C PRO B 142 24.13 25.65 9.54
N VAL B 143 25.22 25.42 8.82
CA VAL B 143 26.47 26.17 9.06
C VAL B 143 26.41 27.47 8.22
N ASN B 144 25.99 27.37 6.96
CA ASN B 144 25.82 28.55 6.12
C ASN B 144 24.65 29.42 6.52
N TYR B 145 23.57 28.82 6.99
CA TYR B 145 22.33 29.51 7.28
C TYR B 145 21.88 29.22 8.69
N GLY B 146 21.04 30.07 9.24
CA GLY B 146 20.32 29.78 10.46
C GLY B 146 21.22 29.77 11.68
N PRO B 147 21.33 28.65 12.37
CA PRO B 147 22.06 28.67 13.65
C PRO B 147 23.57 28.78 13.52
N LYS B 148 24.11 28.67 12.32
CA LYS B 148 25.57 28.68 12.10
C LYS B 148 26.26 27.66 12.97
N LEU B 149 25.79 26.42 12.86
CA LEU B 149 26.15 25.35 13.75
C LEU B 149 26.00 24.02 13.00
N ASP B 150 27.01 23.15 13.12
CA ASP B 150 26.98 21.82 12.51
C ASP B 150 26.18 20.90 13.44
N LEU B 151 24.89 20.83 13.19
CA LEU B 151 24.02 20.11 14.07
C LEU B 151 24.33 18.62 14.12
N VAL B 152 24.56 18.03 12.95
CA VAL B 152 24.79 16.59 12.87
C VAL B 152 26.07 16.21 13.62
N LYS B 153 27.15 16.99 13.49
N LYS B 153 27.12 17.01 13.47
CA LYS B 153 28.35 16.70 14.28
CA LYS B 153 28.36 16.78 14.20
C LYS B 153 28.08 16.82 15.76
C LYS B 153 28.15 16.88 15.70
N LEU B 154 27.35 17.85 16.15
CA LEU B 154 27.07 18.05 17.57
C LEU B 154 26.31 16.84 18.15
N TRP B 155 25.29 16.39 17.42
CA TRP B 155 24.56 15.21 17.85
C TRP B 155 25.45 13.98 17.89
N ALA B 156 26.29 13.79 16.85
CA ALA B 156 27.12 12.59 16.81
C ALA B 156 28.11 12.55 17.95
N ASP B 157 28.70 13.71 18.26
CA ASP B 157 29.69 13.76 19.35
C ASP B 157 29.01 13.37 20.67
N LEU B 158 27.81 13.91 20.90
CA LEU B 158 27.08 13.62 22.13
C LEU B 158 26.66 12.15 22.23
N VAL B 159 26.20 11.57 21.12
CA VAL B 159 25.89 10.13 21.13
C VAL B 159 27.10 9.25 21.52
N ARG B 160 28.25 9.53 20.91
N ARG B 160 28.25 9.57 20.93
CA ARG B 160 29.45 8.75 21.23
CA ARG B 160 29.50 8.89 21.22
C ARG B 160 29.86 8.97 22.67
C ARG B 160 29.90 9.09 22.69
N GLU B 161 29.80 10.22 23.14
N GLU B 161 29.77 10.31 23.18
CA GLU B 161 30.18 10.54 24.53
CA GLU B 161 30.16 10.64 24.56
C GLU B 161 29.35 9.74 25.51
C GLU B 161 29.25 9.98 25.59
N ASN B 162 28.10 9.50 25.13
CA ASN B 162 27.16 8.78 25.96
C ASN B 162 27.05 7.28 25.67
N ASP B 163 28.08 6.76 24.99
CA ASP B 163 28.24 5.31 24.82
CA ASP B 163 28.25 5.32 24.81
C ASP B 163 27.04 4.64 24.18
N MET B 164 26.55 5.23 23.09
CA MET B 164 25.61 4.56 22.22
C MET B 164 26.21 4.51 20.81
N LYS B 165 25.79 3.50 20.05
CA LYS B 165 26.09 3.42 18.62
C LYS B 165 25.34 4.54 17.88
N LEU B 166 25.94 5.03 16.80
CA LEU B 166 25.37 6.16 16.08
C LEU B 166 24.62 5.72 14.82
N VAL B 167 23.34 6.09 14.75
CA VAL B 167 22.54 5.96 13.52
C VAL B 167 22.36 7.33 12.92
N ILE B 168 22.50 7.41 11.59
CA ILE B 168 22.16 8.61 10.83
C ILE B 168 21.10 8.23 9.82
N ALA B 169 19.99 8.98 9.80
CA ALA B 169 18.92 8.76 8.84
C ALA B 169 19.00 9.76 7.69
N MET B 170 18.87 9.22 6.49
CA MET B 170 19.00 9.93 5.20
C MET B 170 17.80 9.61 4.34
N HIS B 171 17.13 10.66 3.86
CA HIS B 171 15.89 10.50 3.09
C HIS B 171 16.02 11.33 1.79
N GLN B 172 17.22 11.44 1.24
CA GLN B 172 17.50 12.39 0.17
C GLN B 172 17.20 11.92 -1.25
N ALA B 173 16.71 10.71 -1.42
CA ALA B 173 16.35 10.24 -2.76
C ALA B 173 15.01 10.85 -3.22
N TYR B 174 14.01 10.93 -2.32
CA TYR B 174 12.69 11.37 -2.77
C TYR B 174 12.73 12.89 -3.08
N ASN B 175 13.72 13.58 -2.55
CA ASN B 175 13.92 15.00 -2.85
C ASN B 175 13.84 15.32 -4.34
N TYR B 176 14.39 14.47 -5.21
CA TYR B 176 14.38 14.73 -6.65
C TYR B 176 13.53 13.74 -7.42
N ASN B 177 12.72 12.96 -6.71
CA ASN B 177 11.84 11.96 -7.29
C ASN B 177 10.37 12.28 -7.03
N GLY B 178 10.09 13.53 -6.67
CA GLY B 178 8.72 14.04 -6.65
C GLY B 178 8.32 14.80 -5.40
N PHE B 179 9.12 14.76 -4.33
CA PHE B 179 8.74 15.44 -3.09
C PHE B 179 8.36 16.91 -3.37
N PHE B 180 9.17 17.61 -4.15
CA PHE B 180 8.93 19.01 -4.45
C PHE B 180 8.24 19.23 -5.82
N GLN B 181 7.41 18.27 -6.23
CA GLN B 181 6.80 18.36 -7.56
C GLN B 181 5.94 19.61 -7.77
N TRP B 182 5.37 20.17 -6.70
CA TRP B 182 4.48 21.32 -6.84
C TRP B 182 5.20 22.66 -6.64
N ALA B 183 6.50 22.65 -6.28
CA ALA B 183 7.25 23.90 -6.17
C ALA B 183 7.44 24.56 -7.56
N PRO B 184 7.44 25.89 -7.62
CA PRO B 184 7.69 26.53 -8.91
C PRO B 184 9.03 26.14 -9.50
N LYS B 185 9.10 26.07 -10.81
CA LYS B 185 10.37 25.92 -11.48
C LYS B 185 11.19 27.18 -11.29
N THR B 186 12.46 27.00 -10.96
CA THR B 186 13.38 28.11 -10.79
C THR B 186 14.60 27.96 -11.67
N ASN B 187 15.09 29.09 -12.19
N ASN B 187 15.08 29.10 -12.19
CA ASN B 187 16.38 29.10 -12.88
CA ASN B 187 16.33 29.15 -12.95
C ASN B 187 17.49 29.66 -11.99
C ASN B 187 17.55 29.34 -12.05
N ASP B 188 17.28 29.64 -10.67
N ASP B 188 17.29 29.67 -10.78
CA ASP B 188 18.36 29.91 -9.74
CA ASP B 188 18.31 29.87 -9.75
C ASP B 188 19.06 28.60 -9.43
C ASP B 188 19.03 28.56 -9.49
N THR B 189 20.32 28.50 -9.83
CA THR B 189 21.05 27.25 -9.76
C THR B 189 21.10 26.69 -8.35
N SER B 190 21.31 27.55 -7.36
CA SER B 190 21.36 27.06 -5.97
C SER B 190 19.97 26.56 -5.51
N LEU B 191 18.92 27.30 -5.79
CA LEU B 191 17.59 26.89 -5.37
C LEU B 191 17.20 25.57 -6.04
N GLN B 192 17.64 25.38 -7.27
CA GLN B 192 17.40 24.11 -7.94
C GLN B 192 17.93 22.93 -7.11
N LYS B 193 19.09 23.07 -6.48
CA LYS B 193 19.65 22.02 -5.63
C LYS B 193 18.73 21.72 -4.42
N LEU B 194 18.22 22.75 -3.75
CA LEU B 194 17.31 22.54 -2.63
C LEU B 194 16.08 21.76 -3.07
N LEU B 195 15.51 22.19 -4.20
CA LEU B 195 14.20 21.73 -4.65
C LEU B 195 14.24 20.50 -5.57
N GLY B 196 15.39 19.87 -5.74
CA GLY B 196 15.47 18.68 -6.55
C GLY B 196 15.23 18.89 -8.04
N GLN B 197 15.66 20.04 -8.57
CA GLN B 197 15.40 20.40 -9.96
C GLN B 197 16.64 20.39 -10.83
N LEU B 198 17.75 19.86 -10.32
CA LEU B 198 18.96 19.70 -11.16
C LEU B 198 18.75 18.56 -12.16
N PRO B 199 19.60 18.50 -13.18
CA PRO B 199 19.53 17.34 -14.07
C PRO B 199 19.64 16.04 -13.26
N ARG B 200 18.94 15.01 -13.70
N ARG B 200 19.01 14.97 -13.73
CA ARG B 200 18.87 13.79 -12.92
CA ARG B 200 19.01 13.70 -12.98
C ARG B 200 20.22 13.14 -12.69
C ARG B 200 20.41 13.16 -12.71
N ASP B 201 21.10 13.20 -13.67
N ASP B 201 21.33 13.26 -13.67
CA ASP B 201 22.42 12.58 -13.49
CA ASP B 201 22.69 12.78 -13.45
C ASP B 201 23.20 13.30 -12.39
C ASP B 201 23.34 13.56 -12.30
N GLU B 202 23.06 14.62 -12.33
N GLU B 202 23.07 14.86 -12.23
CA GLU B 202 23.68 15.40 -11.26
CA GLU B 202 23.61 15.70 -11.17
C GLU B 202 23.02 15.13 -9.89
C GLU B 202 22.99 15.33 -9.83
N GLU B 203 21.71 14.99 -9.86
CA GLU B 203 21.01 14.59 -8.64
C GLU B 203 21.49 13.23 -8.14
N ASP B 204 21.65 12.26 -9.04
CA ASP B 204 22.12 10.93 -8.66
C ASP B 204 23.52 11.03 -8.07
N GLN B 205 24.38 11.83 -8.68
CA GLN B 205 25.73 12.01 -8.17
C GLN B 205 25.65 12.67 -6.78
N LEU B 206 24.77 13.65 -6.62
CA LEU B 206 24.63 14.36 -5.34
C LEU B 206 24.09 13.44 -4.22
N TRP B 207 23.23 12.50 -4.61
CA TRP B 207 22.72 11.51 -3.63
C TRP B 207 23.91 10.78 -3.02
N PHE B 208 24.82 10.31 -3.88
CA PHE B 208 26.01 9.64 -3.39
C PHE B 208 26.95 10.57 -2.63
N ASP B 209 27.20 11.76 -3.20
CA ASP B 209 28.14 12.69 -2.59
C ASP B 209 27.69 13.10 -1.18
N LYS B 210 26.37 13.26 -0.96
CA LYS B 210 25.84 13.58 0.36
C LYS B 210 26.16 12.45 1.36
N HIS B 211 25.86 11.21 0.98
CA HIS B 211 26.19 10.05 1.80
C HIS B 211 27.69 10.01 2.13
N ARG B 212 28.53 10.16 1.12
N ARG B 212 28.53 10.15 1.10
CA ARG B 212 29.98 10.01 1.29
CA ARG B 212 29.99 10.04 1.26
C ARG B 212 30.51 11.08 2.24
C ARG B 212 30.50 11.08 2.23
N GLU B 213 30.10 12.32 2.02
CA GLU B 213 30.55 13.40 2.85
C GLU B 213 30.09 13.24 4.30
N MET B 214 28.81 12.91 4.49
CA MET B 214 28.28 12.70 5.82
C MET B 214 29.01 11.56 6.51
N LEU B 215 29.20 10.45 5.80
CA LEU B 215 29.71 9.27 6.51
C LEU B 215 31.21 9.37 6.86
N ASP B 216 31.99 10.04 6.02
CA ASP B 216 33.38 10.32 6.40
C ASP B 216 33.44 11.35 7.53
N HIS B 217 32.42 12.20 7.63
CA HIS B 217 32.38 13.28 8.62
C HIS B 217 32.07 12.80 10.03
N VAL B 218 31.13 11.85 10.17
CA VAL B 218 30.72 11.37 11.49
C VAL B 218 30.84 9.86 11.74
N GLN B 219 31.22 9.09 10.71
CA GLN B 219 31.48 7.64 10.85
C GLN B 219 30.32 6.88 11.52
N PRO B 220 29.14 6.96 10.91
CA PRO B 220 27.98 6.28 11.50
C PRO B 220 28.12 4.78 11.57
N ASP B 221 27.58 4.20 12.64
CA ASP B 221 27.47 2.76 12.76
C ASP B 221 26.33 2.16 11.94
N ILE B 222 25.28 2.97 11.74
CA ILE B 222 24.14 2.61 10.93
C ILE B 222 23.78 3.78 10.03
N ILE B 223 23.63 3.53 8.73
CA ILE B 223 23.04 4.53 7.83
C ILE B 223 21.67 4.03 7.42
N TRP B 224 20.65 4.72 7.89
CA TRP B 224 19.26 4.41 7.60
C TRP B 224 18.84 5.17 6.35
N ASN B 225 18.19 4.48 5.41
CA ASN B 225 17.75 5.11 4.17
C ASN B 225 16.25 5.03 3.99
N ASP B 226 15.66 6.09 3.44
CA ASP B 226 14.25 6.09 3.06
C ASP B 226 14.06 5.59 1.62
N PHE B 227 12.79 5.58 1.21
CA PHE B 227 12.34 4.98 -0.04
C PHE B 227 12.79 5.83 -1.22
N SER B 228 12.43 5.37 -2.41
CA SER B 228 12.83 5.96 -3.70
C SER B 228 14.27 5.62 -4.07
N LEU B 229 14.79 4.52 -3.52
CA LEU B 229 16.07 3.99 -4.00
C LEU B 229 15.81 3.21 -5.31
N ASP B 230 14.82 2.32 -5.28
CA ASP B 230 14.24 1.69 -6.50
C ASP B 230 12.84 1.21 -6.14
N SER B 231 11.90 2.13 -6.05
CA SER B 231 10.53 1.80 -5.66
C SER B 231 9.53 2.38 -6.64
N PRO B 232 9.54 1.84 -7.86
CA PRO B 232 8.61 2.30 -8.89
C PRO B 232 7.17 2.24 -8.42
N GLY B 233 6.43 3.28 -8.73
CA GLY B 233 5.03 3.35 -8.35
C GLY B 233 4.75 3.99 -7.00
N GLU B 234 5.79 4.34 -6.24
CA GLU B 234 5.64 4.85 -4.87
C GLU B 234 5.78 6.38 -4.76
N CYS B 235 5.90 7.05 -5.89
CA CYS B 235 6.16 8.49 -5.93
C CYS B 235 4.98 9.29 -6.49
N GLY B 236 3.78 8.75 -6.31
CA GLY B 236 2.57 9.50 -6.59
C GLY B 236 2.42 9.86 -8.05
N SER B 237 1.96 11.06 -8.33
CA SER B 237 1.72 11.50 -9.69
C SER B 237 2.94 12.03 -10.43
N PHE B 238 4.09 12.12 -9.76
CA PHE B 238 5.29 12.63 -10.39
C PHE B 238 5.73 11.62 -11.45
N GLU B 239 6.09 12.13 -12.62
CA GLU B 239 6.56 11.31 -13.71
C GLU B 239 8.05 11.04 -13.49
N GLY B 240 8.39 9.81 -13.24
CA GLY B 240 9.77 9.46 -12.97
C GLY B 240 9.86 8.06 -12.39
N PRO B 241 11.08 7.56 -12.26
CA PRO B 241 11.33 6.16 -11.89
C PRO B 241 11.24 5.86 -10.39
N CYS B 242 11.17 6.91 -9.57
CA CYS B 242 11.08 6.73 -8.12
C CYS B 242 12.29 5.92 -7.68
N ALA B 243 13.46 6.37 -8.12
CA ALA B 243 14.70 5.60 -8.00
C ALA B 243 15.93 6.47 -8.05
N VAL B 244 17.01 5.91 -7.52
CA VAL B 244 18.36 6.44 -7.64
C VAL B 244 19.08 5.55 -8.65
N ASP B 245 19.93 6.13 -9.48
CA ASP B 245 20.73 5.35 -10.41
C ASP B 245 21.40 4.16 -9.73
N GLU B 246 21.29 2.98 -10.33
N GLU B 246 21.29 2.98 -10.33
CA GLU B 246 21.81 1.76 -9.75
CA GLU B 246 21.82 1.74 -9.76
C GLU B 246 23.31 1.83 -9.47
C GLU B 246 23.32 1.83 -9.47
N GLN B 247 24.09 2.38 -10.38
CA GLN B 247 25.52 2.50 -10.18
C GLN B 247 25.83 3.33 -8.94
N LYS B 248 25.06 4.41 -8.74
CA LYS B 248 25.28 5.23 -7.56
C LYS B 248 24.90 4.53 -6.26
N ARG B 249 23.83 3.74 -6.27
CA ARG B 249 23.52 2.91 -5.12
C ARG B 249 24.64 1.95 -4.79
N LEU B 250 25.16 1.28 -5.82
CA LEU B 250 26.26 0.35 -5.63
C LEU B 250 27.55 1.04 -5.18
N GLU B 251 27.83 2.24 -5.70
CA GLU B 251 29.00 2.97 -5.25
C GLU B 251 28.87 3.36 -3.76
N PHE B 252 27.67 3.74 -3.33
CA PHE B 252 27.45 4.02 -1.91
C PHE B 252 27.75 2.77 -1.02
N LEU B 253 27.16 1.64 -1.41
CA LEU B 253 27.33 0.42 -0.63
C LEU B 253 28.80 0.06 -0.51
N ALA B 254 29.50 0.04 -1.64
CA ALA B 254 30.92 -0.28 -1.61
C ALA B 254 31.71 0.70 -0.78
N TYR B 255 31.43 2.00 -0.91
CA TYR B 255 32.18 3.01 -0.21
C TYR B 255 31.98 2.84 1.31
N TYR B 256 30.72 2.69 1.73
CA TYR B 256 30.42 2.59 3.15
C TYR B 256 31.00 1.29 3.74
N PHE B 257 30.84 0.18 3.03
CA PHE B 257 31.35 -1.10 3.52
C PHE B 257 32.89 -1.12 3.55
N ASN B 258 33.54 -0.45 2.59
CA ASN B 258 35.00 -0.31 2.61
C ASN B 258 35.44 0.56 3.79
N ARG B 259 34.77 1.68 4.01
CA ARG B 259 35.11 2.53 5.15
C ARG B 259 34.93 1.83 6.47
N GLY B 260 33.88 1.02 6.57
CA GLY B 260 33.64 0.26 7.78
C GLY B 260 34.83 -0.62 8.14
N GLU B 261 35.35 -1.34 7.16
CA GLU B 261 36.55 -2.15 7.42
C GLU B 261 37.74 -1.27 7.80
N GLU B 262 37.92 -0.14 7.14
CA GLU B 262 38.99 0.77 7.50
C GLU B 262 38.88 1.24 8.93
N TRP B 263 37.65 1.53 9.37
CA TRP B 263 37.42 2.00 10.73
C TRP B 263 37.51 0.90 11.80
N GLY B 264 37.58 -0.36 11.37
CA GLY B 264 37.59 -1.46 12.32
C GLY B 264 36.24 -1.69 13.00
N LYS B 265 35.18 -1.45 12.23
CA LYS B 265 33.79 -1.49 12.70
C LYS B 265 32.96 -2.44 11.86
N GLU B 266 31.89 -2.93 12.44
CA GLU B 266 30.85 -3.65 11.73
C GLU B 266 29.69 -2.66 11.52
N VAL B 267 29.50 -2.20 10.28
CA VAL B 267 28.54 -1.16 9.99
C VAL B 267 27.28 -1.78 9.39
N VAL B 268 26.19 -1.02 9.44
CA VAL B 268 24.88 -1.47 9.01
C VAL B 268 24.23 -0.41 8.11
N THR B 269 23.59 -0.84 7.03
CA THR B 269 22.69 0.08 6.33
C THR B 269 21.31 -0.54 6.20
N THR B 270 20.30 0.29 6.37
CA THR B 270 18.91 -0.13 6.30
C THR B 270 18.23 0.55 5.13
N TYR B 271 17.15 -0.07 4.68
CA TYR B 271 16.35 0.50 3.59
C TYR B 271 14.92 0.00 3.74
N LYS B 272 13.97 0.69 3.15
CA LYS B 272 12.55 0.33 3.33
C LYS B 272 12.23 -1.03 2.72
N HIS B 273 11.53 -1.85 3.48
N HIS B 273 11.52 -1.85 3.46
CA HIS B 273 11.20 -3.24 3.12
CA HIS B 273 11.35 -3.25 3.08
C HIS B 273 10.69 -3.40 1.70
C HIS B 273 10.65 -3.45 1.72
N HIS B 274 9.77 -2.54 1.31
CA HIS B 274 9.10 -2.66 0.02
C HIS B 274 9.96 -2.17 -1.13
N ASP B 275 11.00 -1.40 -0.83
CA ASP B 275 11.90 -0.84 -1.84
C ASP B 275 12.81 -1.95 -2.38
N HIS B 276 13.15 -1.88 -3.67
CA HIS B 276 14.07 -2.85 -4.28
C HIS B 276 15.50 -2.29 -4.47
N GLY B 277 15.80 -1.14 -3.89
CA GLY B 277 17.03 -0.43 -4.21
C GLY B 277 18.29 -1.07 -3.65
N PHE B 278 18.21 -1.72 -2.48
CA PHE B 278 19.30 -2.53 -1.95
C PHE B 278 18.83 -3.96 -1.88
N ARG B 279 19.71 -4.85 -1.44
N ARG B 279 19.74 -4.83 -1.46
CA ARG B 279 19.36 -6.24 -1.26
CA ARG B 279 19.53 -6.28 -1.32
C ARG B 279 19.56 -6.71 0.16
C ARG B 279 19.56 -6.69 0.15
N ASN B 280 18.74 -7.67 0.53
CA ASN B 280 18.68 -8.20 1.88
C ASN B 280 19.82 -9.17 2.23
N THR B 281 20.74 -9.34 1.29
CA THR B 281 22.01 -9.98 1.55
C THR B 281 22.97 -9.11 2.33
N SER B 282 22.91 -7.79 2.15
CA SER B 282 23.90 -6.91 2.77
C SER B 282 23.31 -5.72 3.51
N ALA B 283 22.03 -5.46 3.29
CA ALA B 283 21.31 -4.37 3.96
C ALA B 283 20.15 -4.92 4.75
N VAL B 284 19.73 -4.21 5.79
CA VAL B 284 18.65 -4.67 6.67
C VAL B 284 17.32 -4.07 6.26
N ASP B 285 16.30 -4.91 6.08
CA ASP B 285 14.96 -4.46 5.71
C ASP B 285 14.35 -3.71 6.88
N ASP B 286 13.77 -2.55 6.57
CA ASP B 286 13.10 -1.70 7.53
C ASP B 286 11.60 -1.68 7.21
N TRP B 287 10.83 -2.36 8.07
CA TRP B 287 9.42 -2.60 7.84
C TRP B 287 8.60 -1.39 8.17
N GLU B 288 7.46 -1.32 7.49
CA GLU B 288 6.45 -0.27 7.70
C GLU B 288 6.03 -0.27 9.15
N ARG B 289 5.49 0.86 9.60
CA ARG B 289 5.17 0.99 11.02
C ARG B 289 4.23 -0.11 11.52
N GLY B 290 4.55 -0.67 12.68
CA GLY B 290 3.84 -1.84 13.19
C GLY B 290 4.65 -3.12 13.02
N GLY B 291 5.54 -3.15 12.04
CA GLY B 291 6.28 -4.38 11.71
C GLY B 291 5.48 -5.52 11.08
N PRO B 292 6.13 -6.68 10.88
CA PRO B 292 5.46 -7.84 10.30
C PRO B 292 4.49 -8.50 11.26
N SER B 293 3.50 -9.18 10.72
N SER B 293 3.50 -9.18 10.70
CA SER B 293 2.56 -9.94 11.56
CA SER B 293 2.54 -9.93 11.52
C SER B 293 3.19 -11.22 12.10
C SER B 293 3.17 -11.23 12.06
N ASN B 294 4.21 -11.71 11.41
CA ASN B 294 4.84 -12.98 11.73
C ASN B 294 6.30 -12.81 12.10
N LEU B 295 6.94 -13.89 12.54
CA LEU B 295 8.38 -13.95 12.75
C LEU B 295 9.10 -14.03 11.40
N VAL B 296 9.86 -12.98 11.09
CA VAL B 296 10.54 -12.85 9.80
C VAL B 296 12.03 -13.07 9.96
N ARG B 297 12.60 -13.81 9.02
CA ARG B 297 14.05 -14.01 8.93
C ARG B 297 14.47 -13.69 7.49
N PRO B 298 15.65 -13.06 7.30
CA PRO B 298 16.66 -12.75 8.31
C PRO B 298 16.30 -11.50 9.14
N TYR B 299 17.18 -11.22 10.09
CA TYR B 299 17.03 -10.11 11.04
C TYR B 299 16.63 -8.83 10.33
N TRP B 300 15.69 -8.11 10.92
CA TRP B 300 15.09 -6.92 10.29
C TRP B 300 14.89 -5.83 11.34
N GLN B 301 14.40 -4.65 10.94
CA GLN B 301 13.99 -3.64 11.93
C GLN B 301 12.76 -2.93 11.44
N THR B 302 12.20 -2.12 12.34
CA THR B 302 11.08 -1.27 12.01
C THR B 302 11.21 0.03 12.76
N ASP B 303 10.51 1.05 12.27
CA ASP B 303 10.49 2.38 12.89
C ASP B 303 9.14 2.62 13.52
N ASP B 304 9.12 3.26 14.67
CA ASP B 304 7.85 3.65 15.30
C ASP B 304 8.03 5.06 15.83
N ALA B 305 7.00 5.60 16.47
CA ALA B 305 6.98 6.99 16.92
C ALA B 305 6.11 7.15 18.14
N ILE B 306 6.49 8.05 19.04
CA ILE B 306 5.66 8.38 20.16
C ILE B 306 4.40 9.12 19.61
N SER B 307 4.36 9.59 18.31
N SER B 307 4.67 9.98 18.68
CA SER B 307 3.08 10.09 17.58
CA SER B 307 3.66 10.84 18.22
C SER B 307 2.59 9.48 16.20
C SER B 307 2.56 10.00 17.61
N ALA B 308 1.27 9.28 16.09
N ALA B 308 1.33 10.41 17.89
CA ALA B 308 0.60 8.76 14.89
CA ALA B 308 0.14 9.81 17.32
C ALA B 308 0.54 9.68 13.69
C ALA B 308 -0.36 10.69 16.20
N SER B 309 0.42 10.99 13.95
N SER B 309 0.45 11.67 15.85
CA SER B 309 0.00 11.92 12.92
CA SER B 309 0.22 12.52 14.70
C SER B 309 1.13 12.66 12.32
C SER B 309 1.28 12.14 13.56
N SER B 310 2.10 13.09 13.12
CA SER B 310 3.38 13.16 12.39
C SER B 310 4.69 12.69 13.00
N TRP B 311 5.76 12.58 12.21
CA TRP B 311 7.10 12.24 12.73
C TRP B 311 7.80 13.50 13.33
N SER B 312 7.36 14.68 12.90
CA SER B 312 7.91 15.95 13.35
C SER B 312 6.89 16.71 14.19
N TYR B 313 7.38 17.51 15.14
CA TYR B 313 6.51 18.24 16.04
C TYR B 313 5.56 19.17 15.33
N THR B 314 4.29 19.11 15.72
CA THR B 314 3.30 20.09 15.26
C THR B 314 2.54 20.59 16.47
N VAL B 315 2.01 21.82 16.36
CA VAL B 315 1.19 22.37 17.43
C VAL B 315 -0.07 21.53 17.52
N GLY B 316 -0.37 21.04 18.71
CA GLY B 316 -1.51 20.17 18.95
C GLY B 316 -1.21 18.67 18.81
N ILE B 317 0.05 18.31 18.60
CA ILE B 317 0.44 16.90 18.44
C ILE B 317 -0.06 16.04 19.62
N LYS B 318 -0.51 14.83 19.29
CA LYS B 318 -0.92 13.85 20.29
C LYS B 318 0.08 12.72 20.30
N TYR B 319 0.14 11.98 21.41
CA TYR B 319 1.13 10.94 21.62
C TYR B 319 0.51 9.63 22.04
N TYR B 320 1.20 8.55 21.71
CA TYR B 320 0.85 7.25 22.25
C TYR B 320 1.39 7.04 23.63
N SER B 321 0.94 5.94 24.25
CA SER B 321 1.27 5.66 25.63
C SER B 321 2.58 4.91 25.80
N SER B 322 3.16 5.00 26.98
N SER B 322 3.17 4.96 26.98
CA SER B 322 4.33 4.21 27.30
CA SER B 322 4.39 4.19 27.23
C SER B 322 4.06 2.73 27.09
C SER B 322 4.12 2.68 27.23
N LYS B 323 2.89 2.28 27.55
CA LYS B 323 2.50 0.87 27.48
C LYS B 323 2.56 0.42 26.03
N ALA B 324 2.00 1.21 25.13
CA ALA B 324 2.02 0.83 23.73
C ALA B 324 3.45 0.72 23.19
N MET B 325 4.32 1.63 23.61
CA MET B 325 5.72 1.59 23.14
C MET B 325 6.47 0.36 23.65
N VAL B 326 6.27 0.01 24.92
CA VAL B 326 6.94 -1.15 25.51
C VAL B 326 6.37 -2.45 24.92
N HIS B 327 5.05 -2.56 24.79
CA HIS B 327 4.47 -3.75 24.19
C HIS B 327 4.89 -3.90 22.74
N SER B 328 4.92 -2.78 22.01
CA SER B 328 5.39 -2.83 20.61
C SER B 328 6.85 -3.31 20.55
N LEU B 329 7.71 -2.80 21.42
CA LEU B 329 9.11 -3.22 21.45
C LEU B 329 9.21 -4.74 21.65
N LEU B 330 8.49 -5.24 22.65
CA LEU B 330 8.52 -6.68 22.95
C LEU B 330 8.03 -7.50 21.75
N ASP B 331 6.98 -7.01 21.10
CA ASP B 331 6.46 -7.68 19.91
C ASP B 331 7.52 -7.76 18.81
N ARG B 332 8.16 -6.63 18.49
N ARG B 332 8.16 -6.63 18.47
CA ARG B 332 9.13 -6.59 17.41
CA ARG B 332 9.15 -6.63 17.39
C ARG B 332 10.31 -7.49 17.74
C ARG B 332 10.31 -7.53 17.74
N VAL B 333 10.80 -7.45 18.97
CA VAL B 333 11.97 -8.24 19.33
C VAL B 333 11.66 -9.74 19.29
N SER B 334 10.44 -10.11 19.70
CA SER B 334 10.01 -11.53 19.63
C SER B 334 9.94 -12.06 18.21
N LYS B 335 9.77 -11.15 17.25
CA LYS B 335 9.64 -11.52 15.85
C LYS B 335 10.93 -11.38 15.05
N ASN B 336 12.04 -11.23 15.75
CA ASN B 336 13.39 -11.24 15.18
C ASN B 336 13.82 -9.90 14.60
N GLY B 337 13.36 -8.81 15.19
CA GLY B 337 13.78 -7.48 14.76
C GLY B 337 14.21 -6.55 15.88
N ASN B 338 14.68 -5.37 15.47
CA ASN B 338 14.84 -4.20 16.33
C ASN B 338 13.74 -3.18 16.11
N MET B 339 13.52 -2.33 17.09
CA MET B 339 12.60 -1.20 16.96
C MET B 339 13.39 0.11 17.13
N LEU B 340 13.28 0.97 16.12
CA LEU B 340 13.89 2.31 16.14
C LEU B 340 12.76 3.31 16.37
N LEU B 341 12.76 3.93 17.55
CA LEU B 341 11.69 4.85 17.96
C LEU B 341 12.03 6.31 17.63
N ASN B 342 11.11 6.98 16.93
CA ASN B 342 11.24 8.40 16.62
C ASN B 342 10.66 9.30 17.69
N ILE B 343 11.42 10.32 18.05
CA ILE B 343 10.96 11.40 18.90
C ILE B 343 10.96 12.71 18.10
N SER B 344 10.27 13.70 18.64
CA SER B 344 9.85 14.89 17.88
C SER B 344 10.08 16.18 18.66
N PRO B 345 11.31 16.71 18.66
CA PRO B 345 11.57 18.01 19.31
C PRO B 345 10.85 19.14 18.59
N MET B 346 10.48 20.17 19.33
CA MET B 346 9.87 21.35 18.74
C MET B 346 10.89 22.11 17.86
N ALA B 347 10.43 23.04 17.04
CA ALA B 347 11.33 23.76 16.17
C ALA B 347 12.46 24.44 16.92
N ASN B 348 12.18 24.91 18.14
CA ASN B 348 13.19 25.59 18.95
C ASN B 348 14.21 24.62 19.55
N GLY B 349 13.99 23.32 19.40
CA GLY B 349 14.89 22.30 19.92
C GLY B 349 14.51 21.64 21.24
N VAL B 350 13.42 22.07 21.86
CA VAL B 350 12.99 21.52 23.14
C VAL B 350 12.23 20.22 22.94
N LEU B 351 12.51 19.20 23.75
CA LEU B 351 11.77 17.96 23.71
C LEU B 351 10.61 18.06 24.70
N PRO B 352 9.36 18.01 24.20
CA PRO B 352 8.22 18.13 25.12
C PRO B 352 8.16 17.12 26.26
N GLU B 353 7.63 17.57 27.40
CA GLU B 353 7.55 16.81 28.63
C GLU B 353 6.88 15.45 28.42
N GLU B 354 5.83 15.37 27.61
CA GLU B 354 5.09 14.11 27.42
C GLU B 354 5.98 13.04 26.75
N GLN B 355 6.84 13.49 25.85
CA GLN B 355 7.80 12.57 25.22
C GLN B 355 8.89 12.13 26.18
N ILE B 356 9.36 13.06 27.01
CA ILE B 356 10.32 12.72 28.04
C ILE B 356 9.75 11.66 28.98
N LYS B 357 8.50 11.81 29.37
CA LYS B 357 7.85 10.83 30.24
C LYS B 357 7.83 9.43 29.62
N VAL B 358 7.46 9.34 28.35
CA VAL B 358 7.42 8.05 27.68
C VAL B 358 8.80 7.41 27.64
N LEU B 359 9.82 8.20 27.28
CA LEU B 359 11.19 7.72 27.27
C LEU B 359 11.63 7.24 28.64
N ASN B 360 11.32 8.01 29.68
CA ASN B 360 11.61 7.59 31.04
C ASN B 360 10.92 6.26 31.40
N ASP B 361 9.69 6.06 30.99
CA ASP B 361 8.96 4.85 31.33
C ASP B 361 9.56 3.64 30.60
N ILE B 362 9.92 3.83 29.33
CA ILE B 362 10.60 2.76 28.59
C ILE B 362 11.91 2.42 29.30
N GLY B 363 12.64 3.43 29.74
CA GLY B 363 13.91 3.18 30.41
C GLY B 363 13.74 2.44 31.72
N ASP B 364 12.67 2.73 32.46
CA ASP B 364 12.43 2.02 33.72
C ASP B 364 12.17 0.54 33.43
N PHE B 365 11.45 0.28 32.36
CA PHE B 365 11.17 -1.10 31.96
C PHE B 365 12.44 -1.84 31.58
N LEU B 366 13.24 -1.24 30.70
CA LEU B 366 14.47 -1.89 30.24
C LEU B 366 15.55 -2.05 31.31
N SER B 367 15.62 -1.11 32.26
N SER B 367 15.61 -1.10 32.25
N SER B 367 15.62 -1.12 32.26
CA SER B 367 16.56 -1.24 33.36
CA SER B 367 16.55 -1.18 33.36
CA SER B 367 16.59 -1.23 33.35
C SER B 367 16.22 -2.46 34.19
C SER B 367 16.22 -2.36 34.27
C SER B 367 16.23 -2.39 34.29
N ARG B 368 14.94 -2.62 34.46
CA ARG B 368 14.43 -3.70 35.31
C ARG B 368 14.40 -5.06 34.63
N TYR B 369 13.97 -5.08 33.37
CA TYR B 369 13.66 -6.32 32.67
C TYR B 369 14.47 -6.52 31.40
N GLY B 370 15.53 -5.75 31.25
CA GLY B 370 16.37 -5.85 30.06
C GLY B 370 16.94 -7.23 29.79
N GLU B 371 17.06 -8.10 30.79
CA GLU B 371 17.53 -9.47 30.58
C GLU B 371 16.67 -10.20 29.55
N ALA B 372 15.39 -9.88 29.46
CA ALA B 372 14.49 -10.55 28.53
C ALA B 372 14.56 -9.93 27.14
N VAL B 373 15.32 -8.84 26.99
CA VAL B 373 15.31 -8.06 25.75
C VAL B 373 16.71 -8.01 25.16
N TYR B 374 17.61 -7.24 25.77
CA TYR B 374 18.96 -7.10 25.27
C TYR B 374 19.66 -8.44 25.14
N ASP B 375 20.39 -8.61 24.04
CA ASP B 375 21.28 -9.78 23.89
C ASP B 375 20.52 -11.10 23.67
N THR B 376 19.19 -11.04 23.59
CA THR B 376 18.40 -12.23 23.31
C THR B 376 18.23 -12.43 21.80
N ARG B 377 17.65 -13.57 21.47
CA ARG B 377 17.26 -13.88 20.10
C ARG B 377 15.84 -14.43 20.10
N ALA B 378 15.18 -14.31 18.97
CA ALA B 378 13.84 -14.86 18.84
C ALA B 378 13.86 -16.37 19.04
N TRP B 379 12.76 -16.86 19.58
CA TRP B 379 12.46 -18.30 19.59
C TRP B 379 11.99 -18.69 18.19
N ASP B 380 11.39 -19.87 18.03
CA ASP B 380 10.77 -20.19 16.75
C ASP B 380 9.30 -19.86 16.65
N ILE B 381 8.71 -19.48 17.80
CA ILE B 381 7.34 -19.03 17.90
C ILE B 381 7.40 -17.71 18.68
N TYR B 382 6.81 -16.66 18.16
CA TYR B 382 7.02 -15.32 18.73
C TYR B 382 6.21 -15.04 19.99
N GLY B 383 5.03 -15.63 20.09
CA GLY B 383 4.18 -15.37 21.22
C GLY B 383 2.86 -16.12 21.14
N GLU B 384 1.97 -15.81 22.08
CA GLU B 384 0.62 -16.38 22.14
C GLU B 384 -0.35 -15.35 22.64
N GLY B 385 -1.62 -15.50 22.26
CA GLY B 385 -2.70 -14.69 22.80
C GLY B 385 -3.45 -13.93 21.73
N PRO B 386 -4.50 -13.22 22.15
CA PRO B 386 -5.44 -12.61 21.22
C PRO B 386 -5.03 -11.24 20.66
N ASN B 387 -4.22 -10.47 21.37
CA ASN B 387 -3.86 -9.13 20.91
C ASN B 387 -2.62 -9.17 20.03
N GLN B 388 -2.78 -8.81 18.77
N GLN B 388 -2.78 -8.82 18.76
CA GLN B 388 -1.75 -8.97 17.75
CA GLN B 388 -1.73 -8.94 17.76
C GLN B 388 -1.79 -7.82 16.76
C GLN B 388 -1.64 -7.70 16.88
N VAL B 389 -0.64 -7.54 16.15
N VAL B 389 -0.63 -7.70 16.02
CA VAL B 389 -0.59 -6.53 15.09
CA VAL B 389 -0.43 -6.69 14.99
C VAL B 389 -1.15 -7.14 13.79
C VAL B 389 -1.06 -7.17 13.68
N GLU B 390 -1.81 -6.31 13.01
CA GLU B 390 -2.52 -6.74 11.78
C GLU B 390 -1.73 -6.50 10.50
N GLY B 391 -0.47 -6.14 10.63
CA GLY B 391 0.41 -5.92 9.49
C GLY B 391 -0.08 -4.79 8.61
N GLY B 392 0.48 -4.71 7.40
CA GLY B 392 0.04 -3.74 6.41
C GLY B 392 0.10 -2.29 6.88
N SER B 393 -1.01 -1.57 6.72
CA SER B 393 -1.08 -0.18 7.12
C SER B 393 -1.58 -0.04 8.55
N PHE B 394 -1.00 0.94 9.24
CA PHE B 394 -1.00 1.05 10.69
C PHE B 394 -2.13 1.97 11.20
N THR B 395 -2.86 1.50 12.21
CA THR B 395 -3.89 2.31 12.86
C THR B 395 -3.43 2.84 14.23
N ALA B 396 -2.99 1.93 15.10
CA ALA B 396 -2.53 2.30 16.44
C ALA B 396 -1.55 1.23 16.89
N PRO B 397 -0.62 1.58 17.79
CA PRO B 397 0.35 0.57 18.24
C PRO B 397 -0.28 -0.50 19.14
N LEU B 398 0.34 -1.69 19.12
CA LEU B 398 -0.07 -2.82 19.98
C LEU B 398 -0.16 -2.46 21.44
N GLN B 399 -1.29 -2.81 22.04
CA GLN B 399 -1.43 -2.86 23.46
C GLN B 399 -2.02 -4.20 23.82
N GLY B 400 -1.28 -4.92 24.64
CA GLY B 400 -1.67 -6.23 25.11
C GLY B 400 -2.06 -6.18 26.57
N ASN B 401 -2.34 -7.36 27.11
CA ASN B 401 -2.76 -7.52 28.49
C ASN B 401 -2.31 -8.89 28.99
N SER B 402 -2.85 -9.30 30.13
CA SER B 402 -2.42 -10.53 30.75
C SER B 402 -2.71 -11.79 29.91
N SER B 403 -3.52 -11.67 28.85
CA SER B 403 -3.77 -12.79 27.96
C SER B 403 -2.67 -13.04 26.93
N ASP B 404 -1.70 -12.12 26.86
CA ASP B 404 -0.68 -12.14 25.80
C ASP B 404 0.71 -12.42 26.35
N ILE B 405 1.43 -13.28 25.66
CA ILE B 405 2.84 -13.51 25.99
C ILE B 405 3.70 -13.33 24.75
N ARG B 406 4.93 -12.89 24.98
CA ARG B 406 5.94 -12.83 23.93
C ARG B 406 7.20 -13.57 24.40
N PHE B 407 7.78 -14.35 23.50
CA PHE B 407 8.94 -15.17 23.83
C PHE B 407 10.25 -14.54 23.34
N THR B 408 11.32 -14.72 24.13
CA THR B 408 12.69 -14.48 23.66
C THR B 408 13.53 -15.58 24.32
N ARG B 409 14.75 -15.78 23.83
CA ARG B 409 15.60 -16.82 24.41
C ARG B 409 17.04 -16.33 24.44
N ASN B 410 17.86 -17.02 25.21
CA ASN B 410 19.27 -16.67 25.31
C ASN B 410 20.08 -17.29 24.16
N LYS B 411 21.28 -16.77 23.95
CA LYS B 411 22.11 -17.31 22.86
C LYS B 411 22.49 -18.77 23.05
N GLU B 412 22.62 -19.21 24.29
CA GLU B 412 22.99 -20.60 24.61
C GLU B 412 21.81 -21.54 24.34
N ASP B 413 20.61 -20.98 24.21
CA ASP B 413 19.42 -21.73 23.83
C ASP B 413 18.95 -22.68 24.92
N ASP B 414 19.22 -22.34 26.19
CA ASP B 414 18.72 -23.09 27.34
C ASP B 414 17.84 -22.30 28.32
N VAL B 415 17.58 -21.03 28.00
CA VAL B 415 16.69 -20.19 28.81
C VAL B 415 15.65 -19.53 27.90
N LEU B 416 14.38 -19.76 28.21
CA LEU B 416 13.24 -19.17 27.52
C LEU B 416 12.64 -18.13 28.45
N TYR B 417 12.53 -16.91 27.94
CA TYR B 417 11.82 -15.82 28.61
C TYR B 417 10.41 -15.73 28.08
N VAL B 418 9.47 -15.74 29.02
CA VAL B 418 8.05 -15.63 28.72
C VAL B 418 7.55 -14.34 29.34
N THR B 419 7.36 -13.33 28.51
CA THR B 419 6.97 -12.01 28.97
C THR B 419 5.48 -11.83 28.77
N VAL B 420 4.77 -11.65 29.88
N VAL B 420 4.78 -11.61 29.87
CA VAL B 420 3.31 -11.48 29.89
CA VAL B 420 3.34 -11.45 29.87
C VAL B 420 2.99 -9.97 29.94
C VAL B 420 3.01 -9.97 29.91
N LEU B 421 2.03 -9.55 29.10
CA LEU B 421 1.78 -8.12 28.87
C LEU B 421 0.78 -7.48 29.84
N GLY B 422 0.53 -8.15 30.97
CA GLY B 422 -0.26 -7.62 32.07
C GLY B 422 -0.21 -8.61 33.21
N TRP B 423 -0.62 -8.20 34.41
CA TRP B 423 -0.60 -9.14 35.54
C TRP B 423 -1.85 -10.03 35.53
N PRO B 424 -1.68 -11.37 35.47
CA PRO B 424 -2.83 -12.28 35.45
C PRO B 424 -3.62 -12.20 36.76
N GLU B 425 -4.87 -11.74 36.73
CA GLU B 425 -5.58 -11.65 37.99
C GLU B 425 -5.98 -13.03 38.51
N ASP B 426 -5.98 -14.03 37.64
CA ASP B 426 -6.18 -15.43 38.06
C ASP B 426 -4.87 -16.10 38.51
N ASN B 427 -3.81 -15.30 38.64
N ASN B 427 -3.80 -15.32 38.56
CA ASN B 427 -2.47 -15.76 39.05
CA ASN B 427 -2.52 -15.79 39.06
C ASN B 427 -1.96 -16.96 38.26
C ASN B 427 -1.93 -16.93 38.24
N LEU B 428 -2.36 -17.05 36.99
CA LEU B 428 -1.99 -18.16 36.14
C LEU B 428 -1.49 -17.70 34.76
N VAL B 429 -0.33 -18.19 34.36
CA VAL B 429 0.14 -18.03 32.97
C VAL B 429 0.14 -19.42 32.34
N SER B 430 -0.64 -19.58 31.28
CA SER B 430 -0.71 -20.84 30.55
C SER B 430 0.02 -20.73 29.24
N VAL B 431 1.12 -21.45 29.11
CA VAL B 431 1.93 -21.42 27.89
C VAL B 431 1.55 -22.61 27.00
N LYS B 432 0.75 -22.35 25.99
CA LYS B 432 0.18 -23.42 25.17
C LYS B 432 1.26 -24.23 24.45
N ASN B 433 2.32 -23.57 23.96
CA ASN B 433 3.36 -24.25 23.23
C ASN B 433 4.33 -25.06 24.10
N LEU B 434 4.07 -25.11 25.41
CA LEU B 434 4.81 -26.01 26.30
C LEU B 434 3.89 -27.03 26.99
N GLY B 435 2.65 -27.16 26.52
CA GLY B 435 1.79 -28.22 27.02
C GLY B 435 2.08 -29.57 26.37
N SER B 436 1.38 -30.62 26.80
CA SER B 436 1.67 -31.94 26.23
C SER B 436 1.14 -32.11 24.78
N ASN B 437 0.10 -31.36 24.40
CA ASN B 437 -0.34 -31.38 23.00
C ASN B 437 0.76 -30.84 22.06
N ALA B 438 1.64 -30.00 22.59
CA ALA B 438 2.79 -29.48 21.83
C ALA B 438 3.96 -30.48 21.73
N LEU B 439 3.76 -31.68 22.31
CA LEU B 439 4.73 -32.76 22.28
C LEU B 439 6.05 -32.39 22.96
N VAL B 440 5.91 -31.56 24.00
CA VAL B 440 7.02 -31.10 24.82
C VAL B 440 7.14 -31.93 26.11
N ASP B 441 8.37 -32.37 26.37
CA ASP B 441 8.74 -33.07 27.61
C ASP B 441 9.44 -32.07 28.50
N LEU B 442 8.89 -31.85 29.68
CA LEU B 442 9.46 -30.90 30.63
C LEU B 442 10.30 -31.56 31.72
N GLU B 443 10.75 -32.78 31.49
CA GLU B 443 11.65 -33.40 32.47
C GLU B 443 12.88 -32.53 32.74
N SER B 444 13.38 -31.85 31.71
CA SER B 444 14.61 -31.05 31.85
C SER B 444 14.40 -29.60 32.30
N LEU B 445 13.16 -29.23 32.62
CA LEU B 445 12.88 -27.89 33.13
C LEU B 445 13.39 -27.79 34.57
N LYS B 446 14.50 -27.07 34.76
CA LYS B 446 15.22 -27.01 36.02
C LYS B 446 14.58 -26.00 36.98
N SER B 447 14.17 -24.86 36.45
CA SER B 447 13.62 -23.80 37.28
C SER B 447 12.72 -22.89 36.48
N VAL B 448 11.70 -22.39 37.17
CA VAL B 448 10.83 -21.33 36.66
C VAL B 448 10.93 -20.19 37.67
N GLU B 449 11.22 -18.98 37.19
CA GLU B 449 11.44 -17.84 38.05
C GLU B 449 10.69 -16.63 37.52
N LEU B 450 10.19 -15.80 38.42
CA LEU B 450 9.61 -14.53 38.06
C LEU B 450 10.63 -13.46 38.34
N LEU B 451 10.93 -12.60 37.38
CA LEU B 451 11.85 -11.50 37.62
C LEU B 451 11.21 -10.47 38.52
N GLY B 452 11.98 -9.94 39.48
CA GLY B 452 11.44 -9.11 40.54
C GLY B 452 11.59 -7.63 40.29
N ASP B 453 11.74 -6.88 41.39
CA ASP B 453 11.64 -5.43 41.34
C ASP B 453 12.81 -4.75 40.67
N LYS B 454 13.99 -5.33 40.80
CA LYS B 454 15.18 -4.80 40.17
C LYS B 454 15.93 -5.92 39.46
N ALA B 455 16.72 -5.55 38.47
CA ALA B 455 17.54 -6.51 37.75
C ALA B 455 18.41 -7.35 38.69
N GLY B 456 18.35 -8.67 38.51
CA GLY B 456 19.02 -9.60 39.41
C GLY B 456 18.15 -10.23 40.48
N ASP B 457 16.93 -9.71 40.69
CA ASP B 457 16.00 -10.28 41.65
C ASP B 457 15.23 -11.36 40.92
N TYR B 458 15.15 -12.54 41.52
CA TYR B 458 14.32 -13.62 41.02
C TYR B 458 13.51 -14.19 42.16
N VAL B 459 12.26 -14.49 41.88
CA VAL B 459 11.45 -15.23 42.80
C VAL B 459 11.11 -16.55 42.20
N LYS B 460 11.30 -17.56 43.01
CA LYS B 460 11.03 -18.90 42.61
C LYS B 460 9.55 -19.09 42.38
N VAL B 461 9.24 -19.71 41.26
CA VAL B 461 7.90 -20.15 41.01
C VAL B 461 7.87 -21.60 41.49
N SER B 462 7.06 -21.86 42.51
CA SER B 462 7.07 -23.20 43.15
C SER B 462 6.09 -24.18 42.50
N GLU B 463 4.99 -23.66 41.97
CA GLU B 463 3.90 -24.48 41.44
C GLU B 463 3.69 -24.28 39.95
N TRP B 464 3.93 -25.34 39.21
CA TRP B 464 3.54 -25.41 37.81
C TRP B 464 3.20 -26.84 37.46
N GLU B 465 2.40 -27.00 36.42
CA GLU B 465 2.04 -28.33 35.97
C GLU B 465 1.68 -28.31 34.49
N GLN B 466 1.99 -29.40 33.83
CA GLN B 466 1.74 -29.52 32.40
C GLN B 466 0.41 -30.22 32.18
N SER B 467 -0.54 -29.51 31.56
CA SER B 467 -1.77 -30.09 31.06
C SER B 467 -1.61 -30.34 29.54
N LYS B 468 -2.62 -30.95 28.94
CA LYS B 468 -2.61 -31.15 27.50
C LYS B 468 -2.55 -29.80 26.80
N ASP B 469 -3.30 -28.82 27.34
CA ASP B 469 -3.44 -27.52 26.68
C ASP B 469 -2.20 -26.66 26.85
N ALA B 470 -1.51 -26.78 27.97
CA ALA B 470 -0.49 -25.78 28.29
C ALA B 470 0.36 -26.16 29.48
N LEU B 471 1.53 -25.54 29.58
CA LEU B 471 2.25 -25.44 30.84
C LEU B 471 1.57 -24.36 31.67
N ASP B 472 0.97 -24.78 32.77
CA ASP B 472 0.17 -23.91 33.61
C ASP B 472 1.00 -23.49 34.81
N ILE B 473 1.41 -22.22 34.83
CA ILE B 473 2.32 -21.67 35.82
C ILE B 473 1.55 -20.84 36.82
N THR B 474 1.60 -21.23 38.10
CA THR B 474 0.99 -20.43 39.15
C THR B 474 1.98 -19.39 39.67
N LEU B 475 1.58 -18.13 39.63
CA LEU B 475 2.49 -17.05 39.97
C LEU B 475 2.62 -16.84 41.49
N PRO B 476 3.83 -16.46 41.93
CA PRO B 476 4.07 -16.02 43.31
C PRO B 476 3.55 -14.61 43.47
N SER B 477 3.86 -13.96 44.58
CA SER B 477 3.24 -12.68 44.84
C SER B 477 3.71 -11.66 43.79
N GLN B 478 2.80 -10.76 43.46
CA GLN B 478 3.05 -9.80 42.41
C GLN B 478 4.19 -8.86 42.83
N PRO B 479 5.19 -8.67 41.96
CA PRO B 479 6.23 -7.69 42.24
C PRO B 479 5.71 -6.27 42.03
N ALA B 480 6.59 -5.29 42.14
CA ALA B 480 6.19 -3.92 41.92
C ALA B 480 5.58 -3.74 40.53
N GLU B 481 4.60 -2.85 40.41
CA GLU B 481 3.88 -2.66 39.18
C GLU B 481 4.83 -2.43 38.01
N SER B 482 4.48 -3.04 36.88
N SER B 482 4.52 -3.05 36.88
CA SER B 482 5.24 -2.94 35.63
CA SER B 482 5.27 -2.81 35.64
C SER B 482 4.32 -3.00 34.42
C SER B 482 4.37 -3.04 34.41
N LEU B 483 4.82 -2.53 33.28
CA LEU B 483 4.05 -2.59 32.03
C LEU B 483 3.96 -3.99 31.45
N ALA B 484 4.89 -4.86 31.84
CA ALA B 484 4.89 -6.28 31.50
C ALA B 484 5.71 -6.99 32.57
N TYR B 485 5.55 -8.31 32.65
CA TYR B 485 6.20 -9.13 33.68
C TYR B 485 6.90 -10.29 32.98
N VAL B 486 8.00 -10.73 33.54
CA VAL B 486 8.86 -11.72 32.88
C VAL B 486 9.07 -12.98 33.71
N LEU B 487 8.73 -14.11 33.09
CA LEU B 487 9.09 -15.42 33.59
C LEU B 487 10.33 -15.92 32.87
N LYS B 488 11.19 -16.61 33.61
CA LYS B 488 12.45 -17.15 33.10
C LYS B 488 12.46 -18.66 33.34
N LEU B 489 12.47 -19.41 32.25
CA LEU B 489 12.43 -20.87 32.31
C LEU B 489 13.78 -21.40 31.91
N THR B 490 14.46 -22.06 32.83
CA THR B 490 15.81 -22.59 32.60
C THR B 490 15.74 -24.11 32.42
N PHE B 491 16.33 -24.58 31.33
CA PHE B 491 16.37 -26.01 30.97
C PHE B 491 17.78 -26.55 31.11
N ASP B 492 17.88 -27.84 31.46
CA ASP B 492 19.18 -28.51 31.50
C ASP B 492 19.33 -29.18 30.15
N GLY B 493 20.01 -28.51 29.23
CA GLY B 493 20.00 -28.88 27.82
C GLY B 493 19.18 -27.83 27.07
N GLY B 494 18.95 -28.01 25.79
CA GLY B 494 18.26 -26.98 25.06
C GLY B 494 16.79 -26.84 25.43
N ILE B 495 16.21 -25.70 25.09
CA ILE B 495 14.76 -25.55 25.14
C ILE B 495 14.12 -26.60 24.22
N PRO B 496 13.07 -27.28 24.69
CA PRO B 496 12.40 -28.25 23.82
C PRO B 496 11.81 -27.57 22.58
N VAL B 497 11.71 -28.34 21.48
CA VAL B 497 11.14 -27.86 20.25
C VAL B 497 9.65 -28.18 20.24
N PRO B 498 8.79 -27.17 20.22
CA PRO B 498 7.36 -27.44 20.27
C PRO B 498 6.83 -27.88 18.91
N GLN B 499 5.75 -28.66 18.93
CA GLN B 499 4.99 -28.98 17.75
C GLN B 499 3.82 -28.01 17.65
N PRO B 500 3.85 -27.09 16.67
CA PRO B 500 2.75 -26.13 16.54
C PRO B 500 1.43 -26.85 16.33
N GLU B 501 0.33 -26.27 16.79
CA GLU B 501 -0.97 -26.87 16.60
C GLU B 501 -1.25 -27.10 15.10
N ARG B 502 -0.97 -26.09 14.28
CA ARG B 502 -0.99 -26.20 12.82
C ARG B 502 0.39 -25.75 12.34
N GLY B 503 1.12 -26.66 11.71
CA GLY B 503 2.46 -26.34 11.28
C GLY B 503 3.33 -27.59 11.25
N ALA B 504 4.62 -27.42 11.48
CA ALA B 504 5.58 -28.52 11.34
C ALA B 504 6.78 -28.26 12.22
N ALA B 505 7.64 -29.25 12.37
CA ALA B 505 8.92 -29.08 13.04
C ALA B 505 9.95 -29.93 12.32
N VAL B 506 11.14 -29.37 12.09
CA VAL B 506 12.23 -30.06 11.41
C VAL B 506 13.35 -30.33 12.39
N PHE B 507 14.03 -31.47 12.20
CA PHE B 507 15.03 -31.97 13.14
C PHE B 507 16.29 -32.46 12.44
N SER B 508 17.40 -32.44 13.18
CA SER B 508 18.70 -32.83 12.64
C SER B 508 18.98 -34.34 12.68
N LYS B 509 18.17 -35.07 13.43
CA LYS B 509 18.28 -36.53 13.47
C LYS B 509 17.07 -37.14 12.77
N ALA B 510 17.17 -38.41 12.39
CA ALA B 510 16.15 -39.06 11.59
C ALA B 510 14.88 -39.44 12.36
N ASP B 511 14.90 -39.34 13.68
CA ASP B 511 13.75 -39.77 14.49
C ASP B 511 13.03 -38.62 15.17
N ALA B 512 13.04 -37.45 14.51
CA ALA B 512 12.45 -36.24 15.08
C ALA B 512 13.00 -35.91 16.47
N THR B 513 14.32 -36.02 16.61
CA THR B 513 15.03 -35.44 17.76
C THR B 513 16.30 -34.74 17.27
N GLY B 514 17.08 -34.24 18.22
CA GLY B 514 18.24 -33.43 17.92
C GLY B 514 17.91 -31.93 17.89
N LYS B 515 18.75 -31.20 17.18
CA LYS B 515 18.49 -29.78 16.91
C LYS B 515 17.19 -29.70 16.16
N GLY B 516 16.32 -28.74 16.49
CA GLY B 516 15.10 -28.56 15.72
C GLY B 516 14.58 -27.15 15.61
N VAL B 517 13.69 -26.94 14.65
CA VAL B 517 13.03 -25.66 14.41
C VAL B 517 11.55 -25.90 14.20
N ALA B 518 10.72 -25.20 14.96
CA ALA B 518 9.27 -25.22 14.79
C ALA B 518 8.89 -24.22 13.69
N LEU B 519 7.92 -24.59 12.87
CA LEU B 519 7.48 -23.77 11.73
C LEU B 519 5.97 -23.58 11.76
N ALA B 520 5.52 -22.32 11.64
CA ALA B 520 4.10 -22.04 11.45
C ALA B 520 3.68 -22.35 10.03
N LEU B 521 2.43 -22.06 9.67
CA LEU B 521 2.06 -22.05 8.26
C LEU B 521 2.81 -20.92 7.60
N GLY B 522 3.32 -21.14 6.40
CA GLY B 522 4.10 -20.15 5.69
C GLY B 522 5.17 -20.74 4.78
N THR B 523 6.09 -19.89 4.34
CA THR B 523 7.15 -20.26 3.40
C THR B 523 8.51 -19.99 4.07
N PHE B 524 9.39 -20.98 4.05
CA PHE B 524 10.65 -20.95 4.79
C PHE B 524 11.79 -21.34 3.84
N ASP B 525 12.62 -20.37 3.46
CA ASP B 525 13.73 -20.61 2.52
C ASP B 525 15.03 -20.98 3.23
N THR B 526 16.10 -21.15 2.47
CA THR B 526 17.36 -21.62 3.07
C THR B 526 17.86 -20.60 4.11
N VAL B 527 17.72 -19.32 3.81
CA VAL B 527 18.16 -18.28 4.73
C VAL B 527 17.40 -18.37 6.04
N PHE B 528 16.08 -18.53 5.97
CA PHE B 528 15.26 -18.64 7.17
C PHE B 528 15.73 -19.82 8.03
N LEU B 529 15.81 -20.99 7.41
CA LEU B 529 16.06 -22.22 8.16
C LEU B 529 17.48 -22.15 8.79
N THR B 530 18.45 -21.66 8.01
CA THR B 530 19.82 -21.48 8.51
C THR B 530 19.85 -20.53 9.72
N GLU B 531 19.23 -19.36 9.59
CA GLU B 531 19.24 -18.40 10.71
C GLU B 531 18.50 -18.93 11.94
N ALA B 532 17.46 -19.75 11.72
CA ALA B 532 16.72 -20.40 12.79
C ALA B 532 17.51 -21.51 13.51
N GLY B 533 18.65 -21.90 12.97
CA GLY B 533 19.54 -22.83 13.65
C GLY B 533 19.67 -24.18 13.00
N LEU B 534 19.10 -24.37 11.82
CA LEU B 534 19.23 -25.66 11.16
C LEU B 534 19.35 -25.50 9.64
N LYS B 535 20.58 -25.56 9.14
CA LYS B 535 20.82 -25.48 7.70
C LYS B 535 20.02 -26.59 7.04
N PRO B 536 19.38 -26.30 5.91
CA PRO B 536 18.45 -27.32 5.39
C PRO B 536 19.12 -28.63 4.99
N GLU B 537 20.37 -28.58 4.58
CA GLU B 537 21.07 -29.82 4.23
C GLU B 537 21.25 -30.73 5.45
N GLU B 538 21.09 -30.21 6.67
CA GLU B 538 21.19 -31.00 7.89
C GLU B 538 19.85 -31.51 8.40
N ILE B 539 18.77 -31.22 7.68
CA ILE B 539 17.47 -31.74 8.09
C ILE B 539 17.39 -33.23 7.75
N ARG B 540 17.04 -34.04 8.74
CA ARG B 540 16.91 -35.49 8.55
C ARG B 540 15.52 -36.02 8.86
N SER B 541 14.67 -35.22 9.48
CA SER B 541 13.29 -35.61 9.68
C SER B 541 12.39 -34.38 9.86
N ILE B 542 11.10 -34.59 9.69
CA ILE B 542 10.07 -33.55 9.84
C ILE B 542 8.84 -34.15 10.44
N ARG B 543 8.23 -33.49 11.42
CA ARG B 543 6.93 -33.87 11.91
C ARG B 543 5.94 -32.83 11.42
N VAL B 544 4.91 -33.26 10.70
CA VAL B 544 3.87 -32.39 10.17
C VAL B 544 2.64 -32.56 11.05
N SER B 545 2.08 -31.46 11.53
CA SER B 545 0.92 -31.54 12.41
C SER B 545 -0.35 -32.01 11.71
N ASP B 546 -1.29 -32.50 12.49
CA ASP B 546 -2.62 -32.78 11.95
C ASP B 546 -3.15 -31.53 11.27
N GLY B 547 -3.97 -31.72 10.23
CA GLY B 547 -4.60 -30.62 9.53
C GLY B 547 -3.63 -29.76 8.73
N THR B 548 -2.41 -30.26 8.53
CA THR B 548 -1.35 -29.52 7.89
C THR B 548 -0.70 -30.42 6.86
N LYS B 549 -0.10 -29.82 5.85
CA LYS B 549 0.83 -30.51 4.94
C LYS B 549 2.09 -29.67 4.76
N ALA B 550 3.20 -30.33 4.43
CA ALA B 550 4.48 -29.64 4.18
C ALA B 550 4.99 -30.08 2.83
N THR B 551 5.39 -29.12 2.01
CA THR B 551 5.99 -29.40 0.72
C THR B 551 7.48 -29.04 0.77
N LEU B 552 8.36 -30.04 0.61
CA LEU B 552 9.80 -29.81 0.52
C LEU B 552 10.14 -29.41 -0.88
N PHE B 553 11.04 -28.45 -1.04
CA PHE B 553 11.65 -28.13 -2.33
C PHE B 553 13.14 -28.28 -2.23
N SER B 554 13.78 -28.84 -3.26
CA SER B 554 15.23 -29.05 -3.16
C SER B 554 16.01 -27.74 -3.29
N GLY B 555 15.41 -26.75 -3.92
CA GLY B 555 16.09 -25.48 -4.14
C GLY B 555 16.08 -24.55 -2.93
N PHE B 556 16.87 -23.50 -3.05
CA PHE B 556 17.11 -22.47 -2.02
C PHE B 556 15.82 -21.73 -1.69
N ARG B 557 14.96 -21.51 -2.69
CA ARG B 557 13.82 -20.64 -2.53
C ARG B 557 12.67 -21.14 -3.42
N PHE B 558 12.17 -22.33 -3.09
CA PHE B 558 10.92 -22.88 -3.65
C PHE B 558 11.00 -23.22 -5.14
N THR B 559 12.18 -23.67 -5.55
CA THR B 559 12.43 -24.19 -6.90
C THR B 559 12.95 -25.62 -6.75
N GLY B 560 13.11 -26.32 -7.87
CA GLY B 560 13.63 -27.67 -7.84
C GLY B 560 12.56 -28.71 -7.62
N GLU B 561 12.97 -29.89 -7.21
CA GLU B 561 12.06 -30.99 -7.05
C GLU B 561 11.28 -30.87 -5.76
N SER B 562 9.98 -31.13 -5.84
CA SER B 562 9.09 -31.01 -4.70
C SER B 562 8.63 -32.35 -4.16
N LYS B 563 8.35 -32.38 -2.86
CA LYS B 563 7.81 -33.57 -2.22
C LYS B 563 6.77 -33.17 -1.19
N GLU B 564 5.53 -33.60 -1.40
CA GLU B 564 4.43 -33.27 -0.49
C GLU B 564 4.32 -34.30 0.62
N LEU B 565 4.26 -33.83 1.86
CA LEU B 565 4.20 -34.69 3.04
C LEU B 565 2.96 -34.37 3.89
N SER B 566 2.18 -35.40 4.20
N SER B 566 2.18 -35.40 4.20
CA SER B 566 0.98 -35.22 5.00
CA SER B 566 0.98 -35.21 5.00
C SER B 566 1.29 -35.39 6.50
C SER B 566 1.30 -35.37 6.50
N ALA B 567 0.27 -35.20 7.32
CA ALA B 567 0.44 -35.28 8.77
C ALA B 567 1.12 -36.57 9.21
N GLY B 568 2.07 -36.45 10.12
CA GLY B 568 2.85 -37.55 10.64
C GLY B 568 4.32 -37.20 10.71
N GLU B 569 5.15 -38.23 10.93
CA GLU B 569 6.59 -38.07 11.06
C GLU B 569 7.24 -38.74 9.86
N HIS B 570 8.22 -38.06 9.25
CA HIS B 570 8.87 -38.50 8.00
C HIS B 570 10.37 -38.30 8.09
N GLU B 571 11.13 -39.30 7.66
CA GLU B 571 12.54 -39.10 7.39
C GLU B 571 12.73 -38.28 6.11
N VAL B 572 13.79 -37.47 6.07
CA VAL B 572 14.08 -36.57 4.97
C VAL B 572 15.36 -36.98 4.29
N GLU B 573 15.27 -37.16 2.99
CA GLU B 573 16.37 -37.70 2.17
C GLU B 573 17.41 -36.64 1.82
N ASP B 574 18.66 -37.09 1.68
CA ASP B 574 19.78 -36.20 1.39
C ASP B 574 19.57 -35.43 0.10
N GLY B 575 19.69 -34.09 0.19
CA GLY B 575 19.61 -33.21 -0.95
C GLY B 575 18.20 -32.87 -1.37
N SER B 576 17.21 -33.38 -0.64
CA SER B 576 15.82 -33.17 -1.03
C SER B 576 15.22 -31.85 -0.55
N VAL B 577 15.93 -31.10 0.30
N VAL B 577 15.96 -31.12 0.29
CA VAL B 577 15.33 -29.89 0.88
CA VAL B 577 15.44 -29.91 0.97
C VAL B 577 16.28 -28.71 1.08
C VAL B 577 16.40 -28.73 0.96
N GLY B 578 15.93 -27.62 0.39
CA GLY B 578 16.53 -26.31 0.61
C GLY B 578 15.50 -25.34 1.16
N SER B 579 14.21 -25.66 1.01
CA SER B 579 13.16 -24.73 1.41
C SER B 579 11.85 -25.52 1.60
N ILE B 580 10.92 -24.96 2.37
CA ILE B 580 9.72 -25.68 2.82
C ILE B 580 8.52 -24.76 2.80
N VAL B 581 7.39 -25.24 2.29
CA VAL B 581 6.12 -24.53 2.37
C VAL B 581 5.18 -25.35 3.24
N VAL B 582 4.63 -24.72 4.29
CA VAL B 582 3.79 -25.40 5.26
C VAL B 582 2.39 -24.81 5.11
N SER B 583 1.41 -25.69 4.89
N SER B 583 1.41 -25.67 4.84
CA SER B 583 0.06 -25.31 4.47
CA SER B 583 0.06 -25.24 4.46
C SER B 583 -1.02 -25.99 5.28
C SER B 583 -1.06 -26.03 5.12
N LYS B 584 -2.18 -25.36 5.39
CA LYS B 584 -3.37 -26.02 5.93
C LYS B 584 -4.05 -26.80 4.80
N ILE B 585 -4.57 -28.00 5.11
CA ILE B 585 -5.16 -28.85 4.04
C ILE B 585 -6.63 -28.52 3.71
#